data_4BQ6
#
_entry.id   4BQ6
#
_cell.length_a   91.320
_cell.length_b   100.390
_cell.length_c   103.690
_cell.angle_alpha   90.00
_cell.angle_beta   90.00
_cell.angle_gamma   90.00
#
_symmetry.space_group_name_H-M   'P 21 21 21'
#
loop_
_entity.id
_entity.type
_entity.pdbx_description
1 polymer NEOGENIN
2 polymer 'RGM DOMAIN FAMILY MEMBER B'
3 polymer 'RGM DOMAIN FAMILY MEMBER B'
4 non-polymer 2-acetamido-2-deoxy-beta-D-glucopyranose
5 water water
#
loop_
_entity_poly.entity_id
_entity_poly.type
_entity_poly.pdbx_seq_one_letter_code
_entity_poly.pdbx_strand_id
1 'polypeptide(L)'
;ETGTPMMPPVGVQASILSHDTIRITWADNSLPKHQKITDSRYYTVRWKTNIPANTKYKNANATTLSYLVTGLKPNTLYEF
SVMVTKGRRSSTWSMTAHGATFELVPTSPPKDVTVVSKEGKPRTIIVNWQPPSEANGKITGYIIYYSTDVNAEIHDWVIE
PVVGNRLTHQIQELTLDTPYYFKIQARNSKGMGPMSEAVQFRTPKADSSDKMPNDQALGSAGKGSRLPDLGSDYKPPMSG
SNSPHGSPTSPLDSNGTKHHHHHH
;
A,B
2 'polypeptide(L)'
;ETGQPAQCRIQKCTTDFVSLTSHLNSAVDGFDSEFCKALRAYAGCTQRTSKACRGNLVYHSAVLGISDLMSQRNCSKDGP
TSSTNPEVTHDPCNYHSHAGAREHRRGDQNPPSYLFCGLFGD
;
C,E
3 'polypeptide(L)'
;PHLRTFKDNFQTCKVEGAWPLIDNNYLSVQVTNVPVVPGSSATATNKITIIFKAHHGCTDQKVYQAVTDDLPAAFVDGTT
SGGDSDAKSLRIVERESGHYVEMHARYIGTTVFVRQVGRYLTLAIRMPEDLAMSYEESQDLQLCVNGCPLSERIDDGQGQ
VSAILGHSLPRTSLVQAWPGYTLETANTQCHEKMPVKDIYFQSCVFDLLTTGDANFTAAAHSALEDVEALHPRKERWHIF
PSGTKHHHHHH
;
D,F
#
loop_
_chem_comp.id
_chem_comp.type
_chem_comp.name
_chem_comp.formula
NAG D-saccharide, beta linking 2-acetamido-2-deoxy-beta-D-glucopyranose 'C8 H15 N O6'
#
# COMPACT_ATOMS: atom_id res chain seq x y z
N PRO A 5 28.24 7.34 -32.93
CA PRO A 5 26.95 6.85 -33.42
C PRO A 5 25.99 7.98 -33.83
N MET A 6 24.67 7.84 -33.49
CA MET A 6 23.57 8.78 -33.77
C MET A 6 23.49 9.86 -32.70
N MET A 7 23.26 11.13 -33.11
CA MET A 7 23.14 12.30 -32.21
C MET A 7 21.80 12.26 -31.42
N PRO A 8 21.86 12.28 -30.06
CA PRO A 8 20.61 12.24 -29.28
C PRO A 8 19.72 13.46 -29.51
N PRO A 9 18.38 13.36 -29.35
CA PRO A 9 17.52 14.54 -29.50
C PRO A 9 17.83 15.67 -28.49
N VAL A 10 17.46 16.92 -28.83
CA VAL A 10 17.72 18.10 -27.99
C VAL A 10 16.43 18.89 -27.74
N GLY A 11 16.54 19.92 -26.88
CA GLY A 11 15.45 20.81 -26.53
C GLY A 11 14.18 20.12 -26.09
N VAL A 12 14.32 19.13 -25.18
CA VAL A 12 13.20 18.39 -24.61
C VAL A 12 12.46 19.36 -23.68
N GLN A 13 11.15 19.54 -23.92
CA GLN A 13 10.31 20.47 -23.16
C GLN A 13 9.00 19.84 -22.73
N ALA A 14 8.65 20.05 -21.45
CA ALA A 14 7.43 19.51 -20.84
C ALA A 14 6.36 20.59 -20.66
N SER A 15 5.25 20.47 -21.41
CA SER A 15 4.12 21.39 -21.35
C SER A 15 2.99 20.75 -20.49
N ILE A 16 2.72 21.35 -19.33
CA ILE A 16 1.71 20.87 -18.38
C ILE A 16 0.31 21.23 -18.86
N LEU A 17 -0.54 20.20 -19.02
CA LEU A 17 -1.89 20.40 -19.52
C LEU A 17 -2.96 20.21 -18.48
N SER A 18 -2.73 19.29 -17.49
CA SER A 18 -3.67 18.99 -16.40
C SER A 18 -2.96 18.29 -15.24
N HIS A 19 -3.74 17.70 -14.32
CA HIS A 19 -3.27 16.92 -13.18
C HIS A 19 -2.69 15.56 -13.60
N ASP A 20 -2.96 15.09 -14.84
CA ASP A 20 -2.48 13.78 -15.30
C ASP A 20 -1.85 13.77 -16.69
N THR A 21 -1.74 14.94 -17.31
CA THR A 21 -1.26 15.05 -18.68
C THR A 21 -0.19 16.10 -18.86
N ILE A 22 0.85 15.70 -19.61
CA ILE A 22 2.00 16.54 -19.97
C ILE A 22 2.38 16.24 -21.43
N ARG A 23 2.50 17.28 -22.27
CA ARG A 23 2.95 17.12 -23.66
C ARG A 23 4.48 17.33 -23.71
N ILE A 24 5.19 16.36 -24.28
CA ILE A 24 6.65 16.40 -24.47
C ILE A 24 6.97 16.79 -25.93
N THR A 25 7.91 17.72 -26.13
CA THR A 25 8.39 18.16 -27.46
C THR A 25 9.91 18.21 -27.43
N TRP A 26 10.55 17.92 -28.58
CA TRP A 26 12.01 17.91 -28.73
C TRP A 26 12.44 18.23 -30.15
N ALA A 27 13.70 18.63 -30.30
CA ALA A 27 14.29 18.91 -31.60
C ALA A 27 15.37 17.87 -31.91
N ASP A 28 15.54 17.56 -33.20
CA ASP A 28 16.57 16.66 -33.72
C ASP A 28 17.49 17.51 -34.59
N ASN A 29 18.77 17.64 -34.20
CA ASN A 29 19.77 18.44 -34.93
C ASN A 29 20.16 17.81 -36.27
N SER A 30 20.10 16.47 -36.33
CA SER A 30 20.37 15.63 -37.50
C SER A 30 19.31 15.89 -38.59
N LEU A 31 18.17 16.50 -38.19
CA LEU A 31 17.01 16.81 -39.04
C LEU A 31 17.11 18.21 -39.67
N PRO A 32 16.53 18.38 -40.90
CA PRO A 32 16.58 19.70 -41.55
C PRO A 32 15.78 20.78 -40.80
N LYS A 33 16.07 22.06 -41.17
CA LYS A 33 15.54 23.34 -40.67
C LYS A 33 14.06 23.43 -40.76
N HIS A 34 13.58 22.99 -39.62
CA HIS A 34 12.28 22.86 -38.99
C HIS A 34 11.07 22.25 -39.72
N GLN A 35 10.74 20.95 -39.48
CA GLN A 35 11.43 19.87 -38.72
C GLN A 35 10.91 18.56 -39.35
N LYS A 36 11.20 18.39 -40.66
CA LYS A 36 10.76 17.30 -41.54
C LYS A 36 11.49 15.96 -41.49
N ILE A 37 10.76 14.88 -41.08
CA ILE A 37 11.27 13.51 -41.05
C ILE A 37 11.10 12.93 -42.45
N THR A 38 12.20 12.61 -43.15
CA THR A 38 12.17 12.10 -44.52
C THR A 38 12.74 10.68 -44.67
N ASP A 39 12.87 9.96 -43.54
CA ASP A 39 13.41 8.60 -43.43
C ASP A 39 12.60 7.75 -42.41
N SER A 40 12.99 6.46 -42.22
CA SER A 40 12.31 5.49 -41.34
C SER A 40 12.63 5.61 -39.82
N ARG A 41 13.13 6.78 -39.38
CA ARG A 41 13.46 7.00 -37.97
C ARG A 41 12.24 7.11 -37.08
N TYR A 42 12.39 6.65 -35.84
CA TYR A 42 11.36 6.74 -34.81
C TYR A 42 12.01 7.15 -33.49
N TYR A 43 11.23 7.81 -32.62
CA TYR A 43 11.71 8.28 -31.31
C TYR A 43 11.14 7.44 -30.18
N THR A 44 11.86 7.38 -29.06
CA THR A 44 11.40 6.71 -27.85
C THR A 44 11.43 7.71 -26.71
N VAL A 45 10.29 7.92 -26.07
CA VAL A 45 10.15 8.81 -24.92
C VAL A 45 10.09 7.91 -23.68
N ARG A 46 10.86 8.26 -22.64
CA ARG A 46 10.85 7.57 -21.35
C ARG A 46 10.52 8.55 -20.22
N TRP A 47 9.78 8.09 -19.21
CA TRP A 47 9.37 8.89 -18.06
C TRP A 47 9.14 8.07 -16.81
N LYS A 48 9.35 8.71 -15.66
CA LYS A 48 9.12 8.16 -14.31
C LYS A 48 9.15 9.32 -13.31
N THR A 49 8.73 9.03 -12.09
CA THR A 49 8.78 9.90 -10.91
C THR A 49 9.49 9.07 -9.81
N ASN A 50 9.63 9.61 -8.61
CA ASN A 50 10.35 8.93 -7.52
C ASN A 50 9.45 8.30 -6.48
N ILE A 51 8.12 8.30 -6.77
CA ILE A 51 7.07 7.80 -5.89
C ILE A 51 6.19 6.78 -6.64
N PRO A 52 6.01 5.54 -6.10
CA PRO A 52 6.60 4.97 -4.87
C PRO A 52 8.07 4.56 -5.09
N ALA A 53 8.73 3.92 -4.10
CA ALA A 53 10.12 3.48 -4.27
C ALA A 53 10.30 2.49 -5.45
N ASN A 54 11.48 2.51 -6.07
CA ASN A 54 11.92 1.58 -7.13
C ASN A 54 11.05 1.48 -8.36
N THR A 55 10.45 2.59 -8.83
CA THR A 55 9.66 2.50 -10.05
C THR A 55 10.64 2.34 -11.24
N LYS A 56 10.11 1.82 -12.34
CA LYS A 56 10.85 1.65 -13.57
C LYS A 56 10.32 2.72 -14.52
N TYR A 57 11.11 3.05 -15.53
CA TYR A 57 10.75 3.99 -16.59
C TYR A 57 9.60 3.42 -17.43
N LYS A 58 8.68 4.30 -17.84
CA LYS A 58 7.62 3.97 -18.79
C LYS A 58 8.20 4.46 -20.12
N ASN A 59 7.89 3.77 -21.23
CA ASN A 59 8.41 4.09 -22.57
C ASN A 59 7.28 4.20 -23.56
N ALA A 60 7.54 4.92 -24.66
CA ALA A 60 6.59 5.10 -25.77
C ALA A 60 7.33 5.52 -27.03
N ASN A 61 6.97 4.89 -28.14
CA ASN A 61 7.53 5.25 -29.43
C ASN A 61 6.70 6.36 -30.03
N ALA A 62 7.36 7.28 -30.71
CA ALA A 62 6.72 8.42 -31.36
C ALA A 62 7.20 8.51 -32.81
N THR A 63 6.24 8.66 -33.74
CA THR A 63 6.52 8.76 -35.18
C THR A 63 7.08 10.14 -35.56
N THR A 64 6.72 11.20 -34.78
CA THR A 64 7.14 12.60 -34.96
C THR A 64 7.86 13.17 -33.74
N LEU A 65 8.08 14.50 -33.71
CA LEU A 65 8.82 15.18 -32.66
C LEU A 65 8.01 15.72 -31.45
N SER A 66 6.94 15.00 -31.11
CA SER A 66 6.08 15.29 -29.95
C SER A 66 5.39 14.05 -29.43
N TYR A 67 5.07 14.06 -28.13
CA TYR A 67 4.37 12.96 -27.49
C TYR A 67 3.55 13.44 -26.28
N LEU A 68 2.26 13.04 -26.24
CA LEU A 68 1.39 13.38 -25.14
C LEU A 68 1.39 12.26 -24.11
N VAL A 69 1.91 12.55 -22.90
CA VAL A 69 1.99 11.60 -21.80
C VAL A 69 0.72 11.74 -20.90
N THR A 70 -0.06 10.65 -20.77
CA THR A 70 -1.30 10.63 -19.98
C THR A 70 -1.21 9.66 -18.77
N GLY A 71 -2.26 9.64 -17.94
CA GLY A 71 -2.38 8.80 -16.75
C GLY A 71 -1.36 9.05 -15.65
N LEU A 72 -0.85 10.29 -15.55
CA LEU A 72 0.14 10.69 -14.52
C LEU A 72 -0.53 10.99 -13.17
N LYS A 73 0.24 10.98 -12.07
CA LYS A 73 -0.31 11.28 -10.74
C LYS A 73 -0.46 12.80 -10.59
N PRO A 74 -1.48 13.32 -9.86
CA PRO A 74 -1.57 14.79 -9.65
C PRO A 74 -0.46 15.31 -8.73
N ASN A 75 -0.08 16.60 -8.93
CA ASN A 75 0.94 17.32 -8.17
C ASN A 75 2.27 16.51 -7.98
N THR A 76 2.72 15.89 -9.08
CA THR A 76 3.90 15.02 -9.10
C THR A 76 4.94 15.48 -10.10
N LEU A 77 6.21 15.43 -9.67
CA LEU A 77 7.34 15.78 -10.49
C LEU A 77 7.85 14.54 -11.25
N TYR A 78 7.83 14.64 -12.58
CA TYR A 78 8.25 13.61 -13.52
C TYR A 78 9.50 14.02 -14.27
N GLU A 79 10.31 13.04 -14.69
CA GLU A 79 11.49 13.29 -15.53
C GLU A 79 11.21 12.69 -16.93
N PHE A 80 11.68 13.38 -17.97
CA PHE A 80 11.48 12.95 -19.36
C PHE A 80 12.76 13.10 -20.18
N SER A 81 13.07 12.06 -20.98
CA SER A 81 14.19 12.03 -21.91
C SER A 81 13.80 11.30 -23.19
N VAL A 82 14.41 11.70 -24.32
CA VAL A 82 14.11 11.18 -25.66
C VAL A 82 15.36 10.58 -26.34
N MET A 83 15.16 9.57 -27.19
CA MET A 83 16.19 8.91 -28.00
C MET A 83 15.61 8.64 -29.39
N VAL A 84 16.48 8.50 -30.39
CA VAL A 84 16.10 8.26 -31.77
C VAL A 84 16.71 6.93 -32.24
N THR A 85 15.98 6.22 -33.12
CA THR A 85 16.38 4.95 -33.72
C THR A 85 16.06 5.01 -35.22
N LYS A 86 16.90 4.33 -36.03
CA LYS A 86 16.76 4.21 -37.49
C LYS A 86 17.34 2.84 -37.88
N GLY A 87 16.46 1.82 -37.79
CA GLY A 87 16.78 0.43 -38.08
C GLY A 87 17.86 -0.14 -37.18
N ARG A 88 19.12 0.06 -37.59
CA ARG A 88 20.32 -0.39 -36.90
C ARG A 88 20.91 0.72 -36.02
N ARG A 89 20.82 1.98 -36.47
CA ARG A 89 21.36 3.13 -35.73
C ARG A 89 20.46 3.54 -34.55
N SER A 90 21.08 3.77 -33.38
CA SER A 90 20.34 4.23 -32.21
C SER A 90 21.18 5.21 -31.40
N SER A 91 20.56 6.33 -30.99
CA SER A 91 21.22 7.36 -30.20
C SER A 91 21.09 7.04 -28.71
N THR A 92 21.79 7.83 -27.87
CA THR A 92 21.68 7.73 -26.42
C THR A 92 20.49 8.58 -26.00
N TRP A 93 20.13 8.49 -24.70
CA TRP A 93 19.07 9.29 -24.12
C TRP A 93 19.54 10.73 -23.99
N SER A 94 18.68 11.67 -24.40
CA SER A 94 18.89 13.11 -24.35
C SER A 94 19.08 13.61 -22.93
N MET A 95 19.33 14.94 -22.79
CA MET A 95 19.40 15.58 -21.48
C MET A 95 17.96 15.50 -20.95
N THR A 96 17.81 15.26 -19.64
CA THR A 96 16.48 15.15 -19.06
C THR A 96 15.83 16.52 -18.85
N ALA A 97 14.50 16.54 -19.04
CA ALA A 97 13.63 17.67 -18.77
C ALA A 97 12.65 17.21 -17.66
N HIS A 98 12.20 18.15 -16.83
CA HIS A 98 11.26 17.85 -15.75
C HIS A 98 9.94 18.58 -15.97
N GLY A 99 8.89 18.05 -15.36
CA GLY A 99 7.56 18.63 -15.41
C GLY A 99 6.71 18.12 -14.26
N ALA A 100 6.10 19.04 -13.50
CA ALA A 100 5.20 18.73 -12.38
C ALA A 100 3.73 18.89 -12.81
N THR A 101 2.90 17.85 -12.60
CA THR A 101 1.47 17.90 -12.97
C THR A 101 0.70 18.85 -12.03
N PHE A 102 -0.48 19.34 -12.48
CA PHE A 102 -1.34 20.21 -11.68
C PHE A 102 -1.98 19.44 -10.50
N GLU A 103 -2.56 20.18 -9.56
CA GLU A 103 -3.26 19.57 -8.43
C GLU A 103 -4.63 19.03 -8.86
N LEU A 104 -5.18 18.14 -8.06
CA LEU A 104 -6.52 17.59 -8.22
C LEU A 104 -7.10 17.56 -6.79
N VAL A 105 -8.41 17.58 -6.65
CA VAL A 105 -9.10 17.45 -5.37
C VAL A 105 -8.57 16.13 -4.70
N PRO A 106 -8.37 16.00 -3.36
CA PRO A 106 -7.91 14.69 -2.85
C PRO A 106 -8.91 13.59 -3.29
N THR A 107 -8.42 12.37 -3.60
CA THR A 107 -9.30 11.31 -4.09
C THR A 107 -9.40 10.15 -3.13
N SER A 108 -8.75 10.27 -1.99
CA SER A 108 -8.78 9.22 -0.97
C SER A 108 -8.94 9.86 0.42
N PRO A 109 -9.46 9.15 1.42
CA PRO A 109 -9.65 9.77 2.73
C PRO A 109 -8.39 9.78 3.65
N PRO A 110 -8.41 10.60 4.76
CA PRO A 110 -7.33 10.51 5.78
C PRO A 110 -7.31 9.06 6.30
N LYS A 111 -6.15 8.61 6.75
CA LYS A 111 -6.02 7.21 7.14
C LYS A 111 -5.71 7.06 8.58
N ASP A 112 -5.79 5.81 9.10
CA ASP A 112 -5.38 5.43 10.47
C ASP A 112 -6.00 6.31 11.57
N VAL A 113 -7.28 6.70 11.40
CA VAL A 113 -8.04 7.48 12.37
C VAL A 113 -8.05 6.74 13.73
N THR A 114 -7.39 7.37 14.71
CA THR A 114 -7.18 6.86 16.06
C THR A 114 -7.73 7.90 17.04
N VAL A 115 -8.56 7.43 17.98
CA VAL A 115 -9.16 8.31 19.00
C VAL A 115 -8.76 7.80 20.39
N VAL A 116 -8.18 8.68 21.21
CA VAL A 116 -7.73 8.35 22.57
C VAL A 116 -8.25 9.33 23.62
N SER A 117 -8.29 8.90 24.87
CA SER A 117 -8.70 9.75 25.97
C SER A 117 -7.47 10.52 26.44
N LYS A 118 -7.59 11.84 26.64
CA LYS A 118 -6.47 12.62 27.14
C LYS A 118 -6.15 12.23 28.60
N GLU A 119 -4.85 12.04 28.92
CA GLU A 119 -4.37 11.66 30.25
C GLU A 119 -4.76 12.73 31.28
N GLY A 120 -5.45 12.30 32.34
CA GLY A 120 -5.92 13.17 33.41
C GLY A 120 -7.15 14.01 33.09
N LYS A 121 -7.59 14.00 31.81
CA LYS A 121 -8.73 14.80 31.32
C LYS A 121 -9.66 13.87 30.55
N PRO A 122 -10.49 13.04 31.23
CA PRO A 122 -11.32 12.05 30.50
C PRO A 122 -12.48 12.62 29.67
N ARG A 123 -12.77 13.94 29.80
CA ARG A 123 -13.80 14.60 29.01
C ARG A 123 -13.20 15.21 27.73
N THR A 124 -11.90 15.02 27.54
CA THR A 124 -11.12 15.44 26.38
C THR A 124 -10.64 14.19 25.62
N ILE A 125 -10.81 14.23 24.29
CA ILE A 125 -10.33 13.19 23.42
C ILE A 125 -9.25 13.79 22.52
N ILE A 126 -8.31 12.97 22.10
CA ILE A 126 -7.29 13.35 21.12
C ILE A 126 -7.58 12.52 19.87
N VAL A 127 -7.72 13.19 18.71
CA VAL A 127 -7.93 12.52 17.41
C VAL A 127 -6.59 12.61 16.70
N ASN A 128 -6.05 11.46 16.27
CA ASN A 128 -4.79 11.35 15.55
C ASN A 128 -5.02 10.65 14.22
N TRP A 129 -4.39 11.13 13.17
CA TRP A 129 -4.56 10.51 11.86
C TRP A 129 -3.33 10.61 10.99
N GLN A 130 -3.42 10.03 9.79
CA GLN A 130 -2.39 10.05 8.76
C GLN A 130 -2.98 10.70 7.53
N PRO A 131 -2.17 11.35 6.69
CA PRO A 131 -2.74 12.00 5.49
C PRO A 131 -3.39 11.02 4.48
N PRO A 132 -4.23 11.52 3.55
CA PRO A 132 -4.70 10.62 2.46
C PRO A 132 -3.49 10.20 1.64
N SER A 133 -3.49 8.95 1.16
CA SER A 133 -2.40 8.46 0.31
C SER A 133 -2.50 9.19 -1.04
N GLU A 134 -3.73 9.68 -1.41
CA GLU A 134 -3.98 10.44 -2.64
C GLU A 134 -4.41 11.88 -2.29
N ALA A 135 -3.47 12.62 -1.67
CA ALA A 135 -3.62 14.02 -1.29
C ALA A 135 -3.77 14.88 -2.55
N ASN A 136 -3.01 14.56 -3.64
CA ASN A 136 -3.08 15.23 -4.98
C ASN A 136 -2.75 16.74 -4.96
N GLY A 137 -2.09 17.17 -3.91
CA GLY A 137 -1.72 18.57 -3.72
C GLY A 137 -1.43 18.84 -2.26
N LYS A 138 -0.98 20.04 -1.97
CA LYS A 138 -0.69 20.49 -0.61
C LYS A 138 -2.01 20.53 0.19
N ILE A 139 -2.10 19.76 1.25
CA ILE A 139 -3.24 19.73 2.17
C ILE A 139 -3.23 21.04 2.92
N THR A 140 -4.34 21.79 2.79
CA THR A 140 -4.53 23.12 3.40
C THR A 140 -5.38 23.07 4.67
N GLY A 141 -5.97 21.92 4.94
CA GLY A 141 -6.81 21.68 6.11
C GLY A 141 -7.44 20.31 6.14
N TYR A 142 -8.04 19.97 7.27
CA TYR A 142 -8.83 18.77 7.49
C TYR A 142 -10.12 19.22 8.16
N ILE A 143 -11.14 18.38 8.07
CA ILE A 143 -12.39 18.63 8.77
C ILE A 143 -12.68 17.39 9.60
N ILE A 144 -12.81 17.55 10.92
CA ILE A 144 -13.23 16.42 11.78
C ILE A 144 -14.73 16.58 12.06
N TYR A 145 -15.50 15.52 11.79
CA TYR A 145 -16.94 15.45 12.09
C TYR A 145 -17.08 14.45 13.23
N TYR A 146 -17.86 14.78 14.22
CA TYR A 146 -18.13 13.85 15.31
C TYR A 146 -19.59 13.90 15.77
N SER A 147 -20.08 12.78 16.30
CA SER A 147 -21.45 12.67 16.78
C SER A 147 -21.58 11.60 17.84
N THR A 148 -22.64 11.71 18.68
CA THR A 148 -23.02 10.71 19.69
C THR A 148 -24.03 9.78 19.01
N ASP A 149 -24.58 10.28 17.90
CA ASP A 149 -25.54 9.57 17.06
C ASP A 149 -24.88 9.05 15.76
N VAL A 150 -24.71 7.74 15.69
CA VAL A 150 -24.16 6.99 14.58
C VAL A 150 -25.09 7.10 13.32
N ASN A 151 -26.41 7.31 13.53
CA ASN A 151 -27.37 7.42 12.43
C ASN A 151 -27.77 8.84 12.06
N ALA A 152 -27.17 9.84 12.71
CA ALA A 152 -27.44 11.23 12.38
C ALA A 152 -26.95 11.56 10.97
N GLU A 153 -27.72 12.39 10.26
CA GLU A 153 -27.36 12.85 8.92
C GLU A 153 -26.13 13.74 9.04
N ILE A 154 -25.21 13.68 8.05
CA ILE A 154 -23.92 14.38 8.06
C ILE A 154 -23.94 15.88 8.48
N HIS A 155 -24.97 16.62 8.07
CA HIS A 155 -25.14 18.03 8.43
C HIS A 155 -25.47 18.24 9.92
N ASP A 156 -25.85 17.17 10.62
CA ASP A 156 -26.17 17.22 12.07
C ASP A 156 -24.96 16.86 12.97
N TRP A 157 -23.81 16.49 12.35
CA TRP A 157 -22.58 16.14 13.05
C TRP A 157 -21.84 17.43 13.42
N VAL A 158 -21.15 17.43 14.58
CA VAL A 158 -20.39 18.58 15.05
C VAL A 158 -19.17 18.70 14.16
N ILE A 159 -18.91 19.91 13.63
CA ILE A 159 -17.79 20.18 12.74
C ILE A 159 -16.61 20.81 13.50
N GLU A 160 -15.43 20.31 13.23
CA GLU A 160 -14.19 20.77 13.86
C GLU A 160 -13.11 21.00 12.79
N PRO A 161 -13.08 22.20 12.14
CA PRO A 161 -12.03 22.46 11.13
C PRO A 161 -10.65 22.53 11.76
N VAL A 162 -9.63 22.12 11.01
CA VAL A 162 -8.25 21.96 11.49
C VAL A 162 -7.24 22.31 10.38
N VAL A 163 -6.04 22.80 10.74
CA VAL A 163 -4.95 23.11 9.80
C VAL A 163 -4.47 21.84 9.03
N GLY A 164 -3.89 22.02 7.84
CA GLY A 164 -3.47 20.88 7.02
C GLY A 164 -2.10 20.34 7.29
N ASN A 165 -1.32 21.06 8.10
CA ASN A 165 0.04 20.67 8.43
C ASN A 165 0.13 20.04 9.83
N ARG A 166 -1.03 19.58 10.36
CA ARG A 166 -1.12 18.90 11.66
C ARG A 166 -1.94 17.63 11.55
N LEU A 167 -1.57 16.63 12.32
CA LEU A 167 -2.20 15.30 12.29
C LEU A 167 -2.73 14.84 13.66
N THR A 168 -2.97 15.79 14.55
CA THR A 168 -3.50 15.58 15.90
C THR A 168 -4.40 16.76 16.29
N HIS A 169 -5.50 16.47 16.97
CA HIS A 169 -6.44 17.50 17.40
C HIS A 169 -7.13 17.10 18.71
N GLN A 170 -7.39 18.08 19.58
CA GLN A 170 -8.05 17.81 20.86
C GLN A 170 -9.46 18.37 20.96
N ILE A 171 -10.43 17.56 21.40
CA ILE A 171 -11.82 17.99 21.55
C ILE A 171 -12.23 17.85 23.02
N GLN A 172 -12.57 18.98 23.62
CA GLN A 172 -12.92 19.12 25.02
C GLN A 172 -14.42 19.10 25.27
N GLU A 173 -14.81 18.98 26.56
CA GLU A 173 -16.19 19.08 27.05
C GLU A 173 -17.10 17.96 26.56
N LEU A 174 -16.55 16.75 26.42
CA LEU A 174 -17.37 15.63 25.96
C LEU A 174 -17.98 14.90 27.16
N THR A 175 -19.02 14.10 26.91
CA THR A 175 -19.70 13.34 27.96
C THR A 175 -18.93 12.02 28.21
N LEU A 176 -18.76 11.68 29.48
CA LEU A 176 -18.09 10.47 29.94
C LEU A 176 -18.98 9.25 29.69
N ASP A 177 -18.37 8.04 29.64
CA ASP A 177 -19.01 6.75 29.38
C ASP A 177 -20.02 6.78 28.21
N THR A 178 -19.66 7.53 27.15
CA THR A 178 -20.48 7.75 25.96
C THR A 178 -19.78 7.38 24.65
N PRO A 179 -20.43 6.56 23.80
CA PRO A 179 -19.88 6.29 22.46
C PRO A 179 -19.89 7.54 21.55
N TYR A 180 -18.76 7.86 20.92
CA TYR A 180 -18.64 8.95 19.94
C TYR A 180 -18.13 8.32 18.63
N TYR A 181 -18.48 8.93 17.49
CA TYR A 181 -18.14 8.50 16.13
C TYR A 181 -17.47 9.65 15.46
N PHE A 182 -16.36 9.36 14.75
CA PHE A 182 -15.47 10.34 14.13
C PHE A 182 -15.23 10.04 12.67
N LYS A 183 -15.29 11.08 11.83
CA LYS A 183 -14.98 11.03 10.39
C LYS A 183 -14.08 12.21 10.08
N ILE A 184 -13.13 12.04 9.18
CA ILE A 184 -12.23 13.14 8.81
C ILE A 184 -12.18 13.23 7.30
N GLN A 185 -12.01 14.44 6.77
CA GLN A 185 -11.79 14.63 5.35
C GLN A 185 -10.66 15.63 5.13
N ALA A 186 -9.88 15.43 4.05
CA ALA A 186 -8.81 16.37 3.74
C ALA A 186 -9.30 17.40 2.74
N ARG A 187 -8.60 18.54 2.69
CA ARG A 187 -8.89 19.56 1.70
C ARG A 187 -7.63 20.15 1.15
N ASN A 188 -7.68 20.53 -0.11
CA ASN A 188 -6.57 21.18 -0.79
C ASN A 188 -7.10 22.39 -1.61
N SER A 189 -6.25 23.08 -2.39
CA SER A 189 -6.68 24.25 -3.18
C SER A 189 -7.77 23.91 -4.21
N LYS A 190 -7.95 22.61 -4.52
CA LYS A 190 -8.96 22.16 -5.47
C LYS A 190 -10.30 21.77 -4.82
N GLY A 191 -10.32 21.59 -3.51
CA GLY A 191 -11.53 21.24 -2.79
C GLY A 191 -11.42 20.10 -1.78
N MET A 192 -12.56 19.51 -1.43
CA MET A 192 -12.70 18.45 -0.43
C MET A 192 -12.50 17.07 -0.96
N GLY A 193 -11.76 16.27 -0.20
CA GLY A 193 -11.58 14.87 -0.53
C GLY A 193 -12.68 14.03 0.11
N PRO A 194 -12.66 12.70 -0.05
CA PRO A 194 -13.72 11.91 0.57
C PRO A 194 -13.52 11.80 2.08
N MET A 195 -14.59 11.42 2.77
CA MET A 195 -14.55 11.25 4.22
C MET A 195 -14.12 9.86 4.57
N SER A 196 -13.38 9.71 5.69
CA SER A 196 -12.99 8.39 6.17
C SER A 196 -14.23 7.75 6.77
N GLU A 197 -14.28 6.41 6.79
CA GLU A 197 -15.41 5.69 7.39
C GLU A 197 -15.42 5.90 8.91
N ALA A 198 -16.59 6.16 9.49
CA ALA A 198 -16.68 6.47 10.92
C ALA A 198 -15.93 5.50 11.81
N VAL A 199 -15.22 6.06 12.81
CA VAL A 199 -14.48 5.31 13.82
C VAL A 199 -15.26 5.53 15.14
N GLN A 200 -15.48 4.47 15.91
CA GLN A 200 -16.15 4.61 17.23
C GLN A 200 -15.14 4.67 18.39
N PHE A 201 -15.42 5.56 19.36
CA PHE A 201 -14.66 5.67 20.61
C PHE A 201 -15.62 5.95 21.76
N ARG A 202 -15.64 5.07 22.75
CA ARG A 202 -16.46 5.25 23.95
C ARG A 202 -15.58 5.95 24.99
N THR A 203 -16.03 7.13 25.50
CA THR A 203 -15.25 7.87 26.49
C THR A 203 -15.19 7.08 27.78
N PRO A 204 -14.12 7.27 28.59
CA PRO A 204 -14.05 6.52 29.87
C PRO A 204 -15.07 6.95 30.93
N LYS A 205 -15.20 6.15 32.01
CA LYS A 205 -16.03 6.53 33.15
C LYS A 205 -15.12 6.73 34.38
N ALA A 206 -15.71 7.06 35.52
CA ALA A 206 -15.01 7.32 36.76
C ALA A 206 -14.76 6.00 37.50
N ASP A 207 -13.60 5.94 38.15
CA ASP A 207 -13.13 4.84 38.98
C ASP A 207 -13.07 5.46 40.38
N SER A 208 -14.18 5.30 41.15
CA SER A 208 -14.35 5.85 42.52
C SER A 208 -13.34 5.23 43.49
N SER A 209 -12.62 6.09 44.26
CA SER A 209 -11.54 5.71 45.18
C SER A 209 -12.05 5.61 46.62
N PRO B 5 39.32 -16.34 -11.58
CA PRO B 5 39.32 -15.72 -10.26
C PRO B 5 39.08 -16.71 -9.11
N MET B 6 38.25 -16.30 -8.10
CA MET B 6 37.88 -17.06 -6.90
C MET B 6 36.65 -17.96 -7.17
N MET B 7 36.69 -19.21 -6.66
CA MET B 7 35.62 -20.20 -6.82
C MET B 7 34.39 -19.83 -5.95
N PRO B 8 33.19 -19.66 -6.56
CA PRO B 8 31.99 -19.30 -5.76
C PRO B 8 31.62 -20.36 -4.73
N PRO B 9 30.98 -20.00 -3.60
CA PRO B 9 30.56 -21.03 -2.63
C PRO B 9 29.54 -22.04 -3.22
N VAL B 10 29.47 -23.24 -2.62
CA VAL B 10 28.59 -24.33 -3.07
C VAL B 10 27.70 -24.83 -1.94
N GLY B 11 26.77 -25.73 -2.28
CA GLY B 11 25.84 -26.35 -1.34
C GLY B 11 25.11 -25.40 -0.43
N VAL B 12 24.54 -24.33 -1.03
CA VAL B 12 23.75 -23.33 -0.33
C VAL B 12 22.43 -24.01 0.08
N GLN B 13 22.13 -23.99 1.38
CA GLN B 13 20.94 -24.64 1.94
C GLN B 13 20.20 -23.73 2.90
N ALA B 14 18.87 -23.71 2.77
CA ALA B 14 18.01 -22.88 3.60
C ALA B 14 17.25 -23.72 4.62
N SER B 15 17.56 -23.52 5.91
CA SER B 15 16.92 -24.21 7.03
C SER B 15 15.88 -23.27 7.66
N ILE B 16 14.59 -23.64 7.53
CA ILE B 16 13.48 -22.85 8.04
C ILE B 16 13.35 -23.02 9.55
N LEU B 17 13.37 -21.89 10.27
CA LEU B 17 13.32 -21.92 11.72
C LEU B 17 12.01 -21.39 12.28
N SER B 18 11.40 -20.40 11.59
CA SER B 18 10.13 -19.77 12.00
C SER B 18 9.48 -19.06 10.83
N HIS B 19 8.47 -18.20 11.12
CA HIS B 19 7.77 -17.37 10.15
C HIS B 19 8.62 -16.20 9.63
N ASP B 20 9.74 -15.85 10.31
CA ASP B 20 10.58 -14.73 9.90
C ASP B 20 12.06 -15.01 9.86
N THR B 21 12.46 -16.27 10.13
CA THR B 21 13.84 -16.67 10.23
C THR B 21 14.17 -17.92 9.44
N ILE B 22 15.28 -17.82 8.71
CA ILE B 22 15.84 -18.90 7.90
C ILE B 22 17.38 -18.88 8.09
N ARG B 23 17.97 -20.04 8.41
CA ARG B 23 19.43 -20.17 8.54
C ARG B 23 19.97 -20.66 7.21
N ILE B 24 20.93 -19.91 6.66
CA ILE B 24 21.60 -20.23 5.40
C ILE B 24 22.96 -20.87 5.72
N THR B 25 23.29 -21.99 5.05
CA THR B 25 24.58 -22.68 5.18
C THR B 25 25.10 -22.99 3.79
N TRP B 26 26.43 -22.98 3.65
CA TRP B 26 27.12 -23.24 2.37
C TRP B 26 28.50 -23.84 2.60
N ALA B 27 29.02 -24.47 1.56
CA ALA B 27 30.36 -25.03 1.59
C ALA B 27 31.26 -24.26 0.63
N ASP B 28 32.55 -24.16 0.99
CA ASP B 28 33.59 -23.53 0.19
C ASP B 28 34.57 -24.65 -0.18
N ASN B 29 34.70 -24.96 -1.49
CA ASN B 29 35.59 -26.02 -1.99
C ASN B 29 37.06 -25.65 -1.84
N SER B 30 37.37 -24.35 -1.92
CA SER B 30 38.70 -23.75 -1.76
C SER B 30 39.19 -23.96 -0.32
N LEU B 31 38.27 -24.28 0.61
CA LEU B 31 38.51 -24.48 2.04
C LEU B 31 38.83 -25.94 2.38
N PRO B 32 39.67 -26.18 3.43
CA PRO B 32 39.98 -27.58 3.81
C PRO B 32 38.77 -28.35 4.32
N LYS B 33 38.81 -29.69 4.25
CA LYS B 33 37.60 -30.39 4.70
C LYS B 33 37.59 -30.79 6.17
N HIS B 34 36.64 -30.41 7.04
CA HIS B 34 35.46 -29.56 6.99
C HIS B 34 35.63 -28.78 8.32
N GLN B 35 35.58 -27.43 8.36
CA GLN B 35 35.42 -26.42 7.30
C GLN B 35 36.04 -25.13 7.87
N LYS B 36 37.35 -25.20 8.16
CA LYS B 36 38.18 -24.18 8.80
C LYS B 36 38.71 -23.01 7.97
N ILE B 37 38.28 -21.77 8.34
CA ILE B 37 38.75 -20.53 7.72
C ILE B 37 40.07 -20.14 8.40
N THR B 38 41.18 -20.13 7.65
CA THR B 38 42.51 -19.83 8.20
C THR B 38 43.16 -18.59 7.57
N ASP B 39 42.33 -17.75 6.92
CA ASP B 39 42.72 -16.50 6.24
C ASP B 39 41.68 -15.37 6.47
N SER B 40 41.92 -14.17 5.91
CA SER B 40 41.07 -12.98 6.05
C SER B 40 39.79 -12.94 5.15
N ARG B 41 39.35 -14.10 4.64
CA ARG B 41 38.16 -14.16 3.78
C ARG B 41 36.87 -13.95 4.52
N TYR B 42 35.90 -13.34 3.83
CA TYR B 42 34.57 -13.12 4.35
C TYR B 42 33.54 -13.43 3.25
N TYR B 43 32.33 -13.83 3.66
CA TYR B 43 31.25 -14.16 2.74
C TYR B 43 30.18 -13.08 2.70
N THR B 44 29.45 -12.99 1.58
CA THR B 44 28.32 -12.08 1.43
C THR B 44 27.09 -12.89 1.06
N VAL B 45 26.04 -12.80 1.86
CA VAL B 45 24.78 -13.48 1.59
C VAL B 45 23.81 -12.42 1.06
N ARG B 46 23.09 -12.75 -0.02
CA ARG B 46 22.05 -11.89 -0.60
C ARG B 46 20.71 -12.63 -0.65
N TRP B 47 19.62 -11.91 -0.42
CA TRP B 47 18.25 -12.46 -0.41
C TRP B 47 17.21 -11.45 -0.81
N LYS B 48 16.10 -11.95 -1.37
CA LYS B 48 14.89 -11.19 -1.76
C LYS B 48 13.78 -12.19 -2.05
N THR B 49 12.55 -11.67 -2.14
CA THR B 49 11.35 -12.38 -2.54
C THR B 49 10.77 -11.58 -3.73
N ASN B 50 9.61 -11.98 -4.26
CA ASN B 50 8.99 -11.33 -5.41
C ASN B 50 7.85 -10.41 -5.07
N ILE B 51 7.64 -10.19 -3.76
CA ILE B 51 6.56 -9.38 -3.18
C ILE B 51 7.11 -8.32 -2.22
N PRO B 52 6.78 -7.02 -2.40
CA PRO B 52 5.99 -6.41 -3.48
C PRO B 52 6.82 -6.31 -4.79
N ALA B 53 6.28 -5.67 -5.85
CA ALA B 53 7.04 -5.53 -7.10
C ALA B 53 8.36 -4.75 -6.93
N ASN B 54 9.36 -5.08 -7.77
CA ASN B 54 10.66 -4.39 -7.86
C ASN B 54 11.46 -4.27 -6.58
N THR B 55 11.46 -5.30 -5.73
CA THR B 55 12.30 -5.22 -4.55
C THR B 55 13.76 -5.40 -4.98
N LYS B 56 14.68 -4.94 -4.13
CA LYS B 56 16.10 -5.07 -4.34
C LYS B 56 16.58 -6.14 -3.37
N TYR B 57 17.74 -6.73 -3.66
CA TYR B 57 18.39 -7.72 -2.81
C TYR B 57 18.84 -7.08 -1.48
N LYS B 58 18.70 -7.83 -0.38
CA LYS B 58 19.24 -7.45 0.92
C LYS B 58 20.56 -8.22 0.97
N ASN B 59 21.59 -7.64 1.62
CA ASN B 59 22.93 -8.24 1.73
C ASN B 59 23.39 -8.27 3.17
N ALA B 60 24.33 -9.19 3.46
CA ALA B 60 24.95 -9.35 4.78
C ALA B 60 26.26 -10.06 4.66
N ASN B 61 27.25 -9.56 5.39
CA ASN B 61 28.55 -10.19 5.44
C ASN B 61 28.56 -11.22 6.57
N ALA B 62 29.23 -12.34 6.33
CA ALA B 62 29.35 -13.42 7.29
C ALA B 62 30.80 -13.80 7.47
N THR B 63 31.25 -13.91 8.73
CA THR B 63 32.62 -14.26 9.10
C THR B 63 32.91 -15.75 8.90
N THR B 64 31.87 -16.62 8.99
CA THR B 64 31.95 -18.08 8.82
C THR B 64 31.00 -18.59 7.71
N LEU B 65 30.81 -19.92 7.63
CA LEU B 65 30.00 -20.57 6.59
C LEU B 65 28.51 -20.78 6.89
N SER B 66 27.94 -19.86 7.65
CA SER B 66 26.51 -19.83 7.98
C SER B 66 26.05 -18.42 8.28
N TYR B 67 24.78 -18.17 8.03
CA TYR B 67 24.18 -16.87 8.30
C TYR B 67 22.70 -17.02 8.60
N LEU B 68 22.27 -16.43 9.72
CA LEU B 68 20.90 -16.46 10.15
C LEU B 68 20.18 -15.22 9.62
N VAL B 69 19.23 -15.42 8.70
CA VAL B 69 18.45 -14.34 8.09
C VAL B 69 17.19 -14.12 8.91
N THR B 70 17.00 -12.89 9.46
CA THR B 70 15.84 -12.51 10.29
C THR B 70 14.98 -11.41 9.61
N GLY B 71 13.85 -11.08 10.25
CA GLY B 71 12.90 -10.07 9.78
C GLY B 71 12.21 -10.34 8.44
N LEU B 72 12.07 -11.63 8.08
CA LEU B 72 11.41 -12.08 6.84
C LEU B 72 9.88 -12.07 6.96
N LYS B 73 9.15 -12.05 5.81
CA LYS B 73 7.67 -12.07 5.85
C LYS B 73 7.20 -13.51 6.11
N PRO B 74 6.08 -13.74 6.83
CA PRO B 74 5.58 -15.13 7.00
C PRO B 74 5.03 -15.72 5.68
N ASN B 75 5.12 -17.08 5.57
CA ASN B 75 4.65 -17.86 4.43
C ASN B 75 5.11 -17.30 3.07
N THR B 76 6.39 -16.90 2.99
CA THR B 76 6.99 -16.27 1.82
C THR B 76 8.18 -17.03 1.29
N LEU B 77 8.24 -17.17 -0.04
CA LEU B 77 9.32 -17.81 -0.75
C LEU B 77 10.43 -16.79 -1.05
N TYR B 78 11.62 -17.06 -0.49
CA TYR B 78 12.83 -16.24 -0.65
C TYR B 78 13.89 -16.97 -1.45
N GLU B 79 14.74 -16.21 -2.14
CA GLU B 79 15.89 -16.77 -2.86
C GLU B 79 17.18 -16.33 -2.14
N PHE B 80 18.16 -17.22 -2.08
CA PHE B 80 19.43 -16.96 -1.40
C PHE B 80 20.62 -17.45 -2.23
N SER B 81 21.65 -16.59 -2.31
CA SER B 81 22.92 -16.90 -2.95
C SER B 81 24.08 -16.29 -2.15
N VAL B 82 25.25 -16.96 -2.21
CA VAL B 82 26.46 -16.60 -1.45
C VAL B 82 27.67 -16.33 -2.37
N MET B 83 28.56 -15.43 -1.94
CA MET B 83 29.81 -15.08 -2.62
C MET B 83 30.89 -14.93 -1.55
N VAL B 84 32.17 -15.09 -1.94
CA VAL B 84 33.32 -14.99 -1.05
C VAL B 84 34.24 -13.86 -1.53
N THR B 85 34.91 -13.18 -0.59
CA THR B 85 35.86 -12.09 -0.82
C THR B 85 37.08 -12.30 0.09
N LYS B 86 38.26 -11.91 -0.40
CA LYS B 86 39.55 -11.97 0.30
C LYS B 86 40.39 -10.78 -0.18
N GLY B 87 40.18 -9.64 0.49
CA GLY B 87 40.84 -8.38 0.19
C GLY B 87 40.51 -7.87 -1.20
N ARG B 88 41.32 -8.30 -2.17
CA ARG B 88 41.23 -7.95 -3.59
C ARG B 88 40.45 -9.01 -4.37
N ARG B 89 40.59 -10.30 -4.01
CA ARG B 89 39.92 -11.41 -4.69
C ARG B 89 38.43 -11.51 -4.32
N SER B 90 37.57 -11.68 -5.33
CA SER B 90 36.13 -11.85 -5.11
C SER B 90 35.53 -12.84 -6.09
N SER B 91 34.71 -13.77 -5.59
CA SER B 91 34.04 -14.77 -6.42
C SER B 91 32.70 -14.24 -6.95
N THR B 92 32.05 -15.00 -7.84
CA THR B 92 30.73 -14.67 -8.35
C THR B 92 29.71 -15.23 -7.36
N TRP B 93 28.42 -14.90 -7.58
CA TRP B 93 27.31 -15.41 -6.79
C TRP B 93 27.08 -16.88 -7.11
N SER B 94 26.93 -17.70 -6.06
CA SER B 94 26.70 -19.14 -6.13
C SER B 94 25.36 -19.46 -6.81
N MET B 95 25.06 -20.77 -6.97
CA MET B 95 23.77 -21.22 -7.48
C MET B 95 22.76 -20.80 -6.41
N THR B 96 21.57 -20.37 -6.83
CA THR B 96 20.57 -19.94 -5.85
C THR B 96 19.85 -21.10 -5.19
N ALA B 97 19.55 -20.94 -3.90
CA ALA B 97 18.77 -21.87 -3.11
C ALA B 97 17.49 -21.09 -2.66
N HIS B 98 16.39 -21.81 -2.47
CA HIS B 98 15.13 -21.21 -2.06
C HIS B 98 14.71 -21.72 -0.69
N GLY B 99 13.89 -20.94 -0.02
CA GLY B 99 13.34 -21.28 1.28
C GLY B 99 12.10 -20.48 1.56
N ALA B 100 11.00 -21.18 1.93
CA ALA B 100 9.72 -20.56 2.28
C ALA B 100 9.56 -20.51 3.82
N THR B 101 9.30 -19.30 4.38
CA THR B 101 9.11 -19.14 5.84
C THR B 101 7.80 -19.82 6.30
N PHE B 102 7.70 -20.15 7.61
CA PHE B 102 6.50 -20.74 8.18
C PHE B 102 5.34 -19.72 8.23
N GLU B 103 4.14 -20.21 8.51
CA GLU B 103 2.97 -19.35 8.64
C GLU B 103 2.98 -18.63 10.00
N LEU B 104 2.23 -17.55 10.08
CA LEU B 104 1.99 -16.80 11.29
C LEU B 104 0.51 -16.49 11.27
N VAL B 105 -0.09 -16.26 12.43
CA VAL B 105 -1.49 -15.86 12.55
C VAL B 105 -1.68 -14.58 11.65
N PRO B 106 -2.79 -14.32 10.93
CA PRO B 106 -2.87 -13.05 10.17
C PRO B 106 -2.64 -11.85 11.14
N THR B 107 -1.97 -10.79 10.67
CA THR B 107 -1.64 -9.65 11.55
C THR B 107 -2.35 -8.38 11.12
N SER B 108 -3.20 -8.48 10.10
CA SER B 108 -3.94 -7.31 9.61
C SER B 108 -5.39 -7.75 9.30
N PRO B 109 -6.37 -6.83 9.29
CA PRO B 109 -7.76 -7.26 9.05
C PRO B 109 -8.15 -7.38 7.55
N PRO B 110 -9.31 -8.05 7.23
CA PRO B 110 -9.83 -8.03 5.85
C PRO B 110 -10.04 -6.55 5.46
N LYS B 111 -9.95 -6.26 4.16
CA LYS B 111 -10.01 -4.87 3.71
C LYS B 111 -11.21 -4.60 2.86
N ASP B 112 -11.47 -3.31 2.57
CA ASP B 112 -12.52 -2.85 1.65
C ASP B 112 -13.91 -3.44 1.91
N VAL B 113 -14.28 -3.59 3.20
CA VAL B 113 -15.59 -4.12 3.61
C VAL B 113 -16.70 -3.23 3.02
N THR B 114 -17.47 -3.84 2.12
CA THR B 114 -18.56 -3.23 1.38
C THR B 114 -19.83 -4.03 1.63
N VAL B 115 -20.90 -3.32 1.98
CA VAL B 115 -22.21 -3.94 2.26
C VAL B 115 -23.25 -3.34 1.32
N VAL B 116 -23.96 -4.20 0.58
CA VAL B 116 -24.96 -3.79 -0.41
C VAL B 116 -26.27 -4.54 -0.22
N SER B 117 -27.36 -3.96 -0.70
CA SER B 117 -28.67 -4.57 -0.67
C SER B 117 -28.77 -5.46 -1.90
N LYS B 118 -29.22 -6.72 -1.73
CA LYS B 118 -29.38 -7.63 -2.88
C LYS B 118 -30.52 -7.11 -3.78
N GLU B 119 -30.29 -7.11 -5.11
CA GLU B 119 -31.27 -6.64 -6.10
C GLU B 119 -32.53 -7.50 -6.03
N GLY B 120 -33.68 -6.84 -5.86
CA GLY B 120 -34.99 -7.48 -5.77
C GLY B 120 -35.28 -8.17 -4.44
N LYS B 121 -34.29 -8.22 -3.54
CA LYS B 121 -34.41 -8.86 -2.22
C LYS B 121 -33.88 -7.89 -1.17
N PRO B 122 -34.68 -6.86 -0.77
CA PRO B 122 -34.16 -5.85 0.18
C PRO B 122 -33.95 -6.32 1.62
N ARG B 123 -34.42 -7.53 1.97
CA ARG B 123 -34.20 -8.13 3.29
C ARG B 123 -32.93 -8.99 3.31
N THR B 124 -32.21 -9.02 2.18
CA THR B 124 -30.94 -9.71 1.99
C THR B 124 -29.85 -8.64 1.73
N ILE B 125 -28.72 -8.81 2.40
CA ILE B 125 -27.55 -7.98 2.18
C ILE B 125 -26.44 -8.86 1.61
N ILE B 126 -25.56 -8.26 0.83
CA ILE B 126 -24.36 -8.92 0.30
C ILE B 126 -23.16 -8.22 0.96
N VAL B 127 -22.27 -9.00 1.60
CA VAL B 127 -21.03 -8.48 2.22
C VAL B 127 -19.90 -8.88 1.27
N ASN B 128 -19.13 -7.90 0.81
CA ASN B 128 -18.01 -8.11 -0.10
C ASN B 128 -16.75 -7.53 0.53
N TRP B 129 -15.64 -8.26 0.42
CA TRP B 129 -14.39 -7.77 0.99
C TRP B 129 -13.17 -8.20 0.20
N GLN B 130 -12.00 -7.77 0.68
CA GLN B 130 -10.69 -8.10 0.12
C GLN B 130 -9.89 -8.78 1.22
N PRO B 131 -8.94 -9.68 0.87
CA PRO B 131 -8.16 -10.34 1.94
C PRO B 131 -7.31 -9.38 2.80
N PRO B 132 -6.85 -9.82 3.99
CA PRO B 132 -5.87 -9.00 4.73
C PRO B 132 -4.60 -8.91 3.88
N SER B 133 -3.94 -7.76 3.91
CA SER B 133 -2.68 -7.58 3.19
C SER B 133 -1.62 -8.43 3.90
N GLU B 134 -1.81 -8.72 5.21
CA GLU B 134 -0.91 -9.58 6.01
C GLU B 134 -1.63 -10.86 6.44
N ALA B 135 -1.99 -11.68 5.43
CA ALA B 135 -2.64 -12.97 5.59
C ALA B 135 -1.68 -13.94 6.30
N ASN B 136 -0.38 -13.90 5.99
CA ASN B 136 0.69 -14.70 6.62
C ASN B 136 0.53 -16.24 6.50
N GLY B 137 -0.27 -16.65 5.54
CA GLY B 137 -0.56 -18.05 5.29
C GLY B 137 -1.84 -18.20 4.50
N LYS B 138 -2.15 -19.40 4.09
CA LYS B 138 -3.36 -19.72 3.35
C LYS B 138 -4.58 -19.45 4.24
N ILE B 139 -5.45 -18.54 3.81
CA ILE B 139 -6.68 -18.21 4.53
C ILE B 139 -7.60 -19.40 4.39
N THR B 140 -8.02 -19.95 5.54
CA THR B 140 -8.86 -21.16 5.64
C THR B 140 -10.32 -20.81 5.92
N GLY B 141 -10.57 -19.52 6.21
CA GLY B 141 -11.90 -19.01 6.52
C GLY B 141 -11.90 -17.57 6.94
N TYR B 142 -13.10 -17.00 7.02
CA TYR B 142 -13.38 -15.67 7.52
C TYR B 142 -14.53 -15.80 8.50
N ILE B 143 -14.69 -14.80 9.36
CA ILE B 143 -15.82 -14.77 10.27
C ILE B 143 -16.46 -13.43 10.09
N ILE B 144 -17.75 -13.40 9.71
CA ILE B 144 -18.50 -12.13 9.63
C ILE B 144 -19.33 -12.01 10.91
N TYR B 145 -19.18 -10.87 11.61
CA TYR B 145 -19.97 -10.53 12.79
C TYR B 145 -20.88 -9.39 12.37
N TYR B 146 -22.14 -9.46 12.76
CA TYR B 146 -23.08 -8.38 12.48
C TYR B 146 -24.03 -8.13 13.64
N SER B 147 -24.52 -6.89 13.76
CA SER B 147 -25.44 -6.50 14.82
C SER B 147 -26.29 -5.32 14.41
N THR B 148 -27.45 -5.13 15.08
CA THR B 148 -28.34 -3.97 14.92
C THR B 148 -27.92 -3.00 16.02
N ASP B 149 -27.15 -3.52 17.01
CA ASP B 149 -26.62 -2.75 18.13
C ASP B 149 -25.12 -2.53 17.97
N VAL B 150 -24.77 -1.28 17.69
CA VAL B 150 -23.41 -0.78 17.50
C VAL B 150 -22.59 -0.91 18.82
N ASN B 151 -23.28 -0.87 20.00
CA ASN B 151 -22.61 -0.94 21.31
C ASN B 151 -22.66 -2.30 21.97
N ALA B 152 -23.26 -3.30 21.31
CA ALA B 152 -23.30 -4.66 21.85
C ALA B 152 -21.90 -5.25 21.99
N GLU B 153 -21.69 -6.01 23.06
CA GLU B 153 -20.42 -6.69 23.31
C GLU B 153 -20.22 -7.75 22.22
N ILE B 154 -18.98 -7.95 21.76
CA ILE B 154 -18.64 -8.84 20.64
C ILE B 154 -19.28 -10.24 20.64
N HIS B 155 -19.39 -10.87 21.82
CA HIS B 155 -20.01 -12.18 22.00
C HIS B 155 -21.54 -12.15 21.74
N ASP B 156 -22.15 -10.96 21.72
CA ASP B 156 -23.59 -10.79 21.46
C ASP B 156 -23.92 -10.51 19.97
N TRP B 157 -22.87 -10.41 19.11
CA TRP B 157 -23.02 -10.18 17.67
C TRP B 157 -23.33 -11.49 16.98
N VAL B 158 -24.14 -11.46 15.90
CA VAL B 158 -24.49 -12.65 15.16
C VAL B 158 -23.23 -13.08 14.39
N ILE B 159 -22.88 -14.36 14.51
CA ILE B 159 -21.71 -14.94 13.86
C ILE B 159 -22.09 -15.66 12.57
N GLU B 160 -21.31 -15.40 11.51
CA GLU B 160 -21.53 -15.98 10.19
C GLU B 160 -20.19 -16.51 9.65
N PRO B 161 -19.78 -17.76 10.00
CA PRO B 161 -18.50 -18.31 9.47
C PRO B 161 -18.60 -18.55 7.96
N VAL B 162 -17.47 -18.38 7.27
CA VAL B 162 -17.39 -18.40 5.81
C VAL B 162 -16.07 -19.04 5.35
N VAL B 163 -16.06 -19.66 4.16
CA VAL B 163 -14.86 -20.28 3.54
C VAL B 163 -13.75 -19.22 3.27
N GLY B 164 -12.50 -19.64 3.22
CA GLY B 164 -11.39 -18.71 3.02
C GLY B 164 -11.06 -18.39 1.59
N ASN B 165 -11.66 -19.14 0.66
CA ASN B 165 -11.40 -18.95 -0.77
C ASN B 165 -12.52 -18.17 -1.47
N ARG B 166 -13.34 -17.45 -0.65
CA ARG B 166 -14.44 -16.61 -1.16
C ARG B 166 -14.41 -15.25 -0.49
N LEU B 167 -14.81 -14.23 -1.23
CA LEU B 167 -14.78 -12.83 -0.78
C LEU B 167 -16.15 -12.12 -0.88
N THR B 168 -17.22 -12.89 -0.89
CA THR B 168 -18.61 -12.42 -0.94
C THR B 168 -19.51 -13.37 -0.14
N HIS B 169 -20.47 -12.79 0.58
CA HIS B 169 -21.38 -13.60 1.39
C HIS B 169 -22.75 -12.93 1.49
N GLN B 170 -23.81 -13.73 1.50
CA GLN B 170 -25.20 -13.19 1.58
C GLN B 170 -25.89 -13.50 2.88
N ILE B 171 -26.50 -12.47 3.51
CA ILE B 171 -27.24 -12.65 4.78
C ILE B 171 -28.71 -12.27 4.57
N GLN B 172 -29.57 -13.26 4.78
CA GLN B 172 -31.01 -13.18 4.56
C GLN B 172 -31.80 -12.89 5.83
N GLU B 173 -33.10 -12.55 5.66
CA GLU B 173 -34.10 -12.34 6.72
C GLU B 173 -33.79 -11.15 7.61
N LEU B 174 -33.26 -10.09 7.03
CA LEU B 174 -32.96 -8.91 7.85
C LEU B 174 -34.13 -7.95 7.85
N THR B 175 -34.15 -7.02 8.81
CA THR B 175 -35.22 -6.04 8.93
C THR B 175 -34.93 -4.85 7.99
N LEU B 176 -35.98 -4.38 7.29
CA LEU B 176 -35.92 -3.25 6.36
C LEU B 176 -35.80 -1.95 7.14
N ASP B 177 -35.30 -0.88 6.46
CA ASP B 177 -35.08 0.47 7.01
C ASP B 177 -34.38 0.45 8.40
N THR B 178 -33.41 -0.48 8.57
CA THR B 178 -32.67 -0.71 9.81
C THR B 178 -31.15 -0.63 9.65
N PRO B 179 -30.47 0.19 10.49
CA PRO B 179 -28.99 0.18 10.49
C PRO B 179 -28.39 -1.15 10.99
N TYR B 180 -27.44 -1.73 10.25
CA TYR B 180 -26.68 -2.93 10.62
C TYR B 180 -25.19 -2.57 10.60
N TYR B 181 -24.37 -3.25 11.42
CA TYR B 181 -22.92 -3.04 11.58
C TYR B 181 -22.25 -4.36 11.35
N PHE B 182 -21.15 -4.35 10.59
CA PHE B 182 -20.42 -5.53 10.11
C PHE B 182 -18.94 -5.45 10.41
N LYS B 183 -18.37 -6.56 10.87
CA LYS B 183 -16.94 -6.72 11.15
C LYS B 183 -16.52 -8.07 10.60
N ILE B 184 -15.32 -8.16 10.05
CA ILE B 184 -14.83 -9.43 9.48
C ILE B 184 -13.46 -9.70 10.03
N GLN B 185 -13.12 -10.97 10.19
CA GLN B 185 -11.77 -11.35 10.57
C GLN B 185 -11.31 -12.55 9.75
N ALA B 186 -10.02 -12.63 9.43
CA ALA B 186 -9.52 -13.76 8.66
C ALA B 186 -8.95 -14.80 9.58
N ARG B 187 -8.85 -16.04 9.09
CA ARG B 187 -8.23 -17.11 9.86
C ARG B 187 -7.38 -17.98 8.98
N ASN B 188 -6.30 -18.48 9.58
CA ASN B 188 -5.40 -19.41 8.89
C ASN B 188 -5.07 -20.60 9.83
N SER B 189 -4.18 -21.52 9.43
CA SER B 189 -3.84 -22.68 10.25
C SER B 189 -3.25 -22.29 11.63
N LYS B 190 -2.77 -21.04 11.77
CA LYS B 190 -2.17 -20.54 13.01
C LYS B 190 -3.18 -19.87 13.94
N GLY B 191 -4.37 -19.50 13.43
CA GLY B 191 -5.39 -18.84 14.22
C GLY B 191 -6.05 -17.62 13.60
N MET B 192 -6.65 -16.78 14.45
CA MET B 192 -7.45 -15.60 14.06
C MET B 192 -6.66 -14.35 13.89
N GLY B 193 -6.97 -13.60 12.84
CA GLY B 193 -6.36 -12.30 12.62
C GLY B 193 -7.19 -11.23 13.30
N PRO B 194 -6.78 -9.95 13.21
CA PRO B 194 -7.60 -8.91 13.85
C PRO B 194 -8.90 -8.65 13.09
N MET B 195 -9.86 -8.01 13.77
CA MET B 195 -11.14 -7.70 13.16
C MET B 195 -11.07 -6.36 12.47
N SER B 196 -11.82 -6.23 11.35
CA SER B 196 -11.91 -4.95 10.67
C SER B 196 -12.80 -4.05 11.52
N GLU B 197 -12.63 -2.73 11.41
CA GLU B 197 -13.45 -1.75 12.12
C GLU B 197 -14.88 -1.81 11.59
N ALA B 198 -15.88 -1.82 12.48
CA ALA B 198 -17.27 -1.92 12.05
C ALA B 198 -17.67 -0.98 10.92
N VAL B 199 -18.40 -1.53 9.94
CA VAL B 199 -18.92 -0.80 8.78
C VAL B 199 -20.44 -0.75 9.00
N GLN B 200 -21.07 0.43 8.80
CA GLN B 200 -22.52 0.57 8.93
C GLN B 200 -23.23 0.48 7.57
N PHE B 201 -24.39 -0.21 7.55
CA PHE B 201 -25.26 -0.27 6.38
C PHE B 201 -26.71 -0.25 6.85
N ARG B 202 -27.48 0.75 6.39
CA ARG B 202 -28.91 0.84 6.69
C ARG B 202 -29.65 0.13 5.55
N THR B 203 -30.49 -0.88 5.87
CA THR B 203 -31.24 -1.61 4.85
C THR B 203 -32.26 -0.69 4.20
N PRO B 204 -32.62 -0.92 2.93
CA PRO B 204 -33.63 -0.05 2.29
C PRO B 204 -35.06 -0.20 2.83
N LYS B 205 -35.95 0.73 2.43
CA LYS B 205 -37.37 0.62 2.76
C LYS B 205 -38.20 0.42 1.48
N ALA B 206 -39.51 0.34 1.61
CA ALA B 206 -40.41 0.10 0.48
C ALA B 206 -40.78 1.42 -0.19
N ASP B 207 -40.88 1.36 -1.52
CA ASP B 207 -41.28 2.40 -2.45
C ASP B 207 -42.61 1.86 -3.02
N SER B 208 -43.74 2.28 -2.41
CA SER B 208 -45.10 1.86 -2.77
C SER B 208 -45.47 2.33 -4.19
N SER B 209 -45.98 1.40 -5.03
CA SER B 209 -46.31 1.60 -6.45
C SER B 209 -47.77 1.98 -6.67
N PRO C 92 22.03 31.22 4.26
CA PRO C 92 21.29 32.23 5.03
C PRO C 92 20.13 31.59 5.78
N CYS C 93 19.51 30.58 5.15
CA CYS C 93 18.40 29.77 5.64
C CYS C 93 18.84 28.90 6.80
N ASN C 94 20.12 28.47 6.80
CA ASN C 94 20.78 27.62 7.81
C ASN C 94 20.62 28.13 9.22
N TYR C 95 20.26 27.21 10.13
CA TYR C 95 20.02 27.46 11.55
C TYR C 95 21.27 28.02 12.25
N PRO C 112 25.16 25.79 19.33
CA PRO C 112 23.83 25.20 19.55
C PRO C 112 23.89 23.74 19.99
N SER C 113 23.04 23.35 20.97
CA SER C 113 22.98 21.98 21.47
C SER C 113 21.82 21.19 20.87
N TYR C 114 22.06 19.88 20.62
CA TYR C 114 21.13 18.97 19.99
C TYR C 114 20.46 17.96 20.89
N LEU C 115 19.15 17.79 20.66
CA LEU C 115 18.28 16.83 21.34
C LEU C 115 17.99 15.70 20.34
N PHE C 116 17.98 14.44 20.81
CA PHE C 116 17.75 13.28 19.97
C PHE C 116 16.51 12.47 20.37
N CYS C 117 15.74 12.04 19.37
CA CYS C 117 14.56 11.20 19.58
C CYS C 117 14.64 9.95 18.73
N GLY C 118 14.23 8.81 19.29
CA GLY C 118 14.25 7.53 18.60
C GLY C 118 13.06 6.63 18.85
N LEU C 119 12.65 5.86 17.83
CA LEU C 119 11.52 4.92 17.89
C LEU C 119 11.95 3.71 17.10
N PHE C 120 11.90 2.54 17.71
CA PHE C 120 12.39 1.29 17.10
C PHE C 120 11.74 0.10 17.77
N GLY C 121 11.88 -1.06 17.13
CA GLY C 121 11.40 -2.34 17.66
C GLY C 121 12.44 -3.13 18.47
N ASP C 122 12.19 -4.29 19.09
CA ASP C 122 11.16 -5.01 19.84
C ASP C 122 11.83 -6.12 20.63
N PRO D 1 6.10 0.38 20.53
CA PRO D 1 7.53 0.10 20.34
C PRO D 1 8.40 0.75 21.40
N HIS D 2 9.73 0.67 21.24
CA HIS D 2 10.63 1.34 22.21
C HIS D 2 10.81 2.81 21.81
N LEU D 3 10.78 3.71 22.79
CA LEU D 3 10.96 5.14 22.54
C LEU D 3 12.09 5.71 23.39
N ARG D 4 12.95 6.53 22.79
CA ARG D 4 14.01 7.26 23.50
C ARG D 4 13.64 8.72 23.26
N THR D 5 13.24 9.43 24.34
CA THR D 5 12.79 10.84 24.26
C THR D 5 13.94 11.86 24.20
N PHE D 6 13.60 13.12 23.84
CA PHE D 6 14.55 14.23 23.78
C PHE D 6 15.17 14.43 25.15
N LYS D 7 14.45 13.96 26.22
CA LYS D 7 14.88 14.04 27.63
C LYS D 7 15.62 12.79 28.11
N ASP D 8 16.00 11.90 27.15
CA ASP D 8 16.73 10.65 27.38
C ASP D 8 16.08 9.64 28.31
N ASN D 9 14.75 9.66 28.39
CA ASN D 9 13.99 8.66 29.13
C ASN D 9 13.72 7.58 28.09
N PHE D 10 13.97 6.29 28.43
CA PHE D 10 13.71 5.18 27.53
C PHE D 10 12.44 4.55 28.01
N GLN D 11 11.48 4.34 27.08
CA GLN D 11 10.17 3.75 27.38
C GLN D 11 9.71 2.68 26.36
N THR D 12 8.92 1.73 26.86
CA THR D 12 8.26 0.75 26.03
C THR D 12 6.78 1.08 26.06
N CYS D 13 6.28 1.52 24.90
CA CYS D 13 4.92 1.99 24.71
C CYS D 13 4.18 1.13 23.74
N LYS D 14 2.86 0.97 23.97
CA LYS D 14 1.96 0.26 23.09
C LYS D 14 1.57 1.26 21.96
N VAL D 15 1.04 2.43 22.33
CA VAL D 15 0.67 3.48 21.37
C VAL D 15 0.18 2.95 19.98
N GLU D 16 -0.86 2.13 20.02
CA GLU D 16 -1.44 1.52 18.84
C GLU D 16 -2.17 2.57 18.01
N GLY D 17 -2.05 2.48 16.69
CA GLY D 17 -2.64 3.41 15.75
C GLY D 17 -1.74 4.57 15.45
N ALA D 18 -2.33 5.72 15.04
CA ALA D 18 -1.61 6.95 14.70
C ALA D 18 -1.33 7.79 15.95
N TRP D 19 -0.04 8.16 16.14
CA TRP D 19 0.43 8.94 17.29
C TRP D 19 1.44 10.01 16.91
N PRO D 20 1.34 11.24 17.48
CA PRO D 20 2.36 12.25 17.18
C PRO D 20 3.66 12.09 18.01
N LEU D 21 4.79 12.01 17.31
CA LEU D 21 6.09 11.99 17.97
C LEU D 21 6.49 13.42 18.18
N ILE D 22 6.33 14.24 17.13
CA ILE D 22 6.62 15.66 17.12
C ILE D 22 5.43 16.38 16.53
N ASP D 23 5.07 17.50 17.16
CA ASP D 23 3.98 18.35 16.78
C ASP D 23 4.33 19.74 17.28
N ASN D 24 5.22 20.42 16.57
CA ASN D 24 5.68 21.73 16.99
C ASN D 24 5.55 22.78 15.90
N ASN D 25 6.14 23.98 16.10
CA ASN D 25 6.02 25.08 15.16
C ASN D 25 6.65 24.88 13.79
N TYR D 26 7.60 23.92 13.69
CA TYR D 26 8.41 23.67 12.50
C TYR D 26 8.21 22.32 11.85
N LEU D 27 7.76 21.35 12.63
CA LEU D 27 7.74 19.98 12.15
C LEU D 27 6.64 19.15 12.76
N SER D 28 6.07 18.25 11.95
CA SER D 28 5.12 17.24 12.40
C SER D 28 5.72 15.88 12.07
N VAL D 29 5.85 15.01 13.07
CA VAL D 29 6.30 13.63 12.89
C VAL D 29 5.17 12.71 13.40
N GLN D 30 4.53 11.95 12.51
CA GLN D 30 3.39 11.08 12.85
C GLN D 30 3.69 9.64 12.52
N VAL D 31 3.44 8.73 13.48
CA VAL D 31 3.69 7.29 13.26
C VAL D 31 2.44 6.44 13.46
N THR D 32 2.37 5.31 12.75
CA THR D 32 1.35 4.28 12.92
C THR D 32 2.05 3.04 13.46
N ASN D 33 1.52 2.53 14.59
CA ASN D 33 2.01 1.34 15.25
C ASN D 33 0.96 0.27 15.26
N VAL D 34 1.40 -0.97 15.03
CA VAL D 34 0.55 -2.14 14.91
C VAL D 34 1.01 -3.24 15.89
N PRO D 35 0.07 -3.94 16.58
CA PRO D 35 0.49 -5.06 17.44
C PRO D 35 1.20 -6.08 16.57
N VAL D 36 2.33 -6.61 17.06
CA VAL D 36 3.20 -7.56 16.37
C VAL D 36 2.42 -8.84 15.93
N VAL D 37 1.48 -9.28 16.78
CA VAL D 37 0.50 -10.34 16.58
C VAL D 37 -0.82 -9.78 17.20
N PRO D 38 -2.01 -10.23 16.74
CA PRO D 38 -3.26 -9.70 17.35
C PRO D 38 -3.35 -9.93 18.87
N GLY D 39 -3.80 -8.91 19.59
CA GLY D 39 -3.95 -8.93 21.04
C GLY D 39 -2.69 -8.65 21.83
N SER D 40 -1.54 -8.51 21.14
CA SER D 40 -0.25 -8.23 21.78
C SER D 40 -0.14 -6.78 22.25
N SER D 41 0.52 -6.56 23.41
CA SER D 41 0.78 -5.21 23.91
C SER D 41 2.08 -4.67 23.22
N ALA D 42 2.89 -5.58 22.62
CA ALA D 42 4.11 -5.24 21.89
C ALA D 42 3.70 -4.75 20.50
N THR D 43 4.05 -3.50 20.20
CA THR D 43 3.69 -2.90 18.93
C THR D 43 4.93 -2.44 18.17
N ALA D 44 4.79 -2.26 16.86
CA ALA D 44 5.87 -1.83 15.98
C ALA D 44 5.33 -0.95 14.87
N THR D 45 6.24 -0.14 14.30
CA THR D 45 5.94 0.90 13.30
C THR D 45 5.80 0.44 11.83
N ASN D 46 4.65 0.72 11.24
CA ASN D 46 4.45 0.39 9.83
C ASN D 46 4.31 1.63 8.94
N LYS D 47 4.25 2.85 9.53
CA LYS D 47 4.14 4.11 8.76
C LYS D 47 4.80 5.27 9.48
N ILE D 48 5.58 6.05 8.73
CA ILE D 48 6.24 7.25 9.23
C ILE D 48 5.87 8.40 8.32
N THR D 49 5.19 9.42 8.86
CA THR D 49 4.86 10.64 8.13
C THR D 49 5.63 11.82 8.74
N ILE D 50 6.33 12.58 7.91
CA ILE D 50 7.05 13.79 8.32
C ILE D 50 6.54 14.97 7.53
N ILE D 51 6.06 16.02 8.22
CA ILE D 51 5.62 17.26 7.61
C ILE D 51 6.63 18.38 7.94
N PHE D 52 7.39 18.80 6.93
CA PHE D 52 8.29 19.94 7.03
C PHE D 52 7.44 21.13 6.65
N LYS D 53 6.91 21.84 7.65
CA LYS D 53 6.05 23.03 7.49
C LYS D 53 6.74 24.11 6.63
N ALA D 54 5.93 24.89 5.86
CA ALA D 54 6.49 25.95 4.99
C ALA D 54 7.30 26.95 5.79
N HIS D 55 8.53 27.20 5.33
CA HIS D 55 9.46 28.13 5.94
C HIS D 55 9.84 29.17 4.89
N HIS D 56 9.09 30.28 4.88
CA HIS D 56 9.24 31.38 3.91
C HIS D 56 10.71 31.70 3.55
N GLY D 57 10.99 31.62 2.25
CA GLY D 57 12.32 31.86 1.70
C GLY D 57 13.29 30.69 1.73
N CYS D 58 12.88 29.54 2.32
CA CYS D 58 13.74 28.36 2.46
C CYS D 58 13.14 27.12 1.84
N THR D 59 11.89 26.82 2.20
CA THR D 59 11.16 25.67 1.69
C THR D 59 9.67 25.91 1.67
N ASP D 60 9.00 25.27 0.71
CA ASP D 60 7.54 25.21 0.66
C ASP D 60 7.26 23.98 1.55
N GLN D 61 6.01 23.71 1.89
CA GLN D 61 5.68 22.58 2.73
C GLN D 61 6.01 21.27 1.99
N LYS D 62 6.72 20.37 2.66
CA LYS D 62 7.04 19.07 2.10
C LYS D 62 6.58 17.97 3.04
N VAL D 63 6.08 16.90 2.45
CA VAL D 63 5.62 15.74 3.20
C VAL D 63 6.41 14.52 2.74
N TYR D 64 6.98 13.81 3.72
CA TYR D 64 7.65 12.55 3.49
C TYR D 64 6.80 11.46 4.11
N GLN D 65 6.66 10.36 3.40
CA GLN D 65 5.98 9.21 3.96
C GLN D 65 6.64 7.91 3.54
N ALA D 66 7.02 7.10 4.53
CA ALA D 66 7.52 5.73 4.32
C ALA D 66 6.53 4.76 4.98
N VAL D 67 6.38 3.58 4.40
CA VAL D 67 5.55 2.50 4.94
C VAL D 67 6.38 1.24 4.82
N THR D 68 5.97 0.14 5.48
CA THR D 68 6.63 -1.17 5.37
C THR D 68 6.66 -1.54 3.86
N ASP D 69 7.85 -1.86 3.34
CA ASP D 69 8.17 -2.25 1.95
C ASP D 69 8.10 -1.10 0.93
N ASP D 70 8.03 0.14 1.43
CA ASP D 70 8.05 1.34 0.60
C ASP D 70 8.72 2.50 1.31
N LEU D 71 10.04 2.61 1.11
CA LEU D 71 10.91 3.65 1.62
C LEU D 71 11.46 4.47 0.43
N PRO D 72 10.67 5.44 -0.09
CA PRO D 72 11.19 6.25 -1.22
C PRO D 72 12.28 7.22 -0.82
N ALA D 73 13.00 7.76 -1.81
CA ALA D 73 14.07 8.75 -1.57
C ALA D 73 13.55 10.11 -2.05
N ALA D 74 12.27 10.39 -1.81
CA ALA D 74 11.57 11.59 -2.26
C ALA D 74 10.33 11.87 -1.42
N PHE D 75 9.89 13.14 -1.46
CA PHE D 75 8.65 13.61 -0.82
C PHE D 75 7.47 13.09 -1.66
N VAL D 76 6.26 13.07 -1.10
CA VAL D 76 5.06 12.56 -1.76
C VAL D 76 4.76 13.15 -3.17
N ASP D 77 5.29 14.37 -3.44
CA ASP D 77 5.12 15.07 -4.75
C ASP D 77 6.23 14.71 -5.76
N GLY D 78 7.06 13.73 -5.40
CA GLY D 78 8.16 13.22 -6.22
C GLY D 78 9.45 14.03 -6.19
N THR D 79 9.47 15.14 -5.40
CA THR D 79 10.62 16.04 -5.25
C THR D 79 11.57 15.47 -4.20
N THR D 80 12.84 15.85 -4.30
CA THR D 80 13.95 15.40 -3.45
C THR D 80 14.56 16.60 -2.69
N SER D 81 13.99 17.81 -2.91
CA SER D 81 14.42 19.05 -2.27
C SER D 81 13.26 20.05 -2.15
N GLY D 82 13.31 20.88 -1.11
CA GLY D 82 12.34 21.93 -0.83
C GLY D 82 12.53 23.14 -1.71
N GLY D 83 11.43 23.86 -1.96
CA GLY D 83 11.39 25.06 -2.79
C GLY D 83 11.91 24.87 -4.21
N ASP D 84 12.68 25.87 -4.70
CA ASP D 84 13.29 25.93 -6.05
C ASP D 84 14.34 24.82 -6.29
N SER D 85 14.96 24.82 -7.49
CA SER D 85 16.03 23.90 -7.86
C SER D 85 17.32 24.32 -7.12
N ASP D 86 17.50 25.65 -6.94
CA ASP D 86 18.63 26.26 -6.24
C ASP D 86 18.56 26.10 -4.72
N ALA D 87 17.32 25.94 -4.17
CA ALA D 87 17.04 25.80 -2.73
C ALA D 87 17.36 24.40 -2.23
N LYS D 88 18.45 24.29 -1.44
CA LYS D 88 18.90 23.01 -0.88
C LYS D 88 18.88 22.98 0.68
N SER D 89 18.14 23.94 1.29
CA SER D 89 17.91 24.07 2.75
C SER D 89 17.18 22.81 3.25
N LEU D 90 16.35 22.19 2.38
CA LEU D 90 15.67 20.91 2.66
C LEU D 90 15.95 19.89 1.55
N ARG D 91 16.55 18.74 1.91
CA ARG D 91 16.86 17.69 0.94
C ARG D 91 16.74 16.27 1.48
N ILE D 92 16.58 15.27 0.59
CA ILE D 92 16.50 13.83 0.90
C ILE D 92 17.61 13.08 0.16
N VAL D 93 18.32 12.21 0.88
CA VAL D 93 19.40 11.37 0.32
C VAL D 93 19.23 9.90 0.71
N GLU D 94 19.51 8.99 -0.24
CA GLU D 94 19.42 7.54 -0.06
C GLU D 94 20.78 6.93 0.19
N TYR D 100 19.42 3.42 5.15
CA TYR D 100 18.75 4.64 5.62
C TYR D 100 18.45 5.65 4.51
N VAL D 101 17.29 6.31 4.63
CA VAL D 101 17.01 7.46 3.78
C VAL D 101 17.11 8.62 4.78
N GLU D 102 17.75 9.71 4.38
CA GLU D 102 17.91 10.81 5.32
C GLU D 102 17.37 12.15 4.85
N MET D 103 16.77 12.90 5.78
CA MET D 103 16.24 14.22 5.49
C MET D 103 17.05 15.26 6.23
N HIS D 104 17.60 16.19 5.47
CA HIS D 104 18.42 17.25 6.03
C HIS D 104 17.67 18.56 5.90
N ALA D 105 17.11 19.03 7.01
CA ALA D 105 16.39 20.30 7.10
C ALA D 105 17.34 21.28 7.78
N ARG D 106 18.39 21.71 7.04
CA ARG D 106 19.44 22.63 7.48
C ARG D 106 18.88 23.91 8.07
N TYR D 107 17.81 24.43 7.44
CA TYR D 107 17.12 25.66 7.84
C TYR D 107 16.62 25.66 9.32
N ILE D 108 16.32 24.46 9.87
CA ILE D 108 15.91 24.22 11.26
C ILE D 108 16.90 23.31 12.01
N GLY D 109 18.15 23.19 11.50
CA GLY D 109 19.23 22.36 12.05
C GLY D 109 18.78 20.96 12.44
N THR D 110 17.85 20.37 11.66
CA THR D 110 17.20 19.09 11.92
C THR D 110 17.55 18.00 10.93
N THR D 111 17.85 16.81 11.47
CA THR D 111 18.11 15.61 10.66
C THR D 111 17.11 14.51 11.06
N VAL D 112 16.59 13.78 10.08
CA VAL D 112 15.63 12.70 10.29
C VAL D 112 16.14 11.48 9.51
N PHE D 113 16.47 10.37 10.21
CA PHE D 113 16.90 9.13 9.56
C PHE D 113 15.78 8.08 9.65
N VAL D 114 15.45 7.45 8.51
CA VAL D 114 14.39 6.44 8.46
C VAL D 114 14.95 5.18 7.81
N ARG D 115 14.70 4.03 8.42
CA ARG D 115 15.06 2.73 7.85
C ARG D 115 14.06 1.63 8.19
N GLN D 116 14.08 0.55 7.41
CA GLN D 116 13.23 -0.60 7.64
C GLN D 116 14.11 -1.70 8.20
N VAL D 117 13.83 -2.16 9.43
CA VAL D 117 14.51 -3.27 10.09
C VAL D 117 13.45 -4.37 10.16
N GLY D 118 13.63 -5.37 9.28
CA GLY D 118 12.72 -6.48 9.15
C GLY D 118 11.38 -6.08 8.57
N ARG D 119 10.30 -6.29 9.33
CA ARG D 119 8.95 -5.94 8.86
C ARG D 119 8.50 -4.59 9.33
N TYR D 120 9.37 -3.88 10.05
CA TYR D 120 9.01 -2.60 10.64
C TYR D 120 9.98 -1.48 10.43
N LEU D 121 9.54 -0.24 10.74
CA LEU D 121 10.32 0.98 10.55
C LEU D 121 10.93 1.57 11.80
N THR D 122 12.16 2.08 11.67
CA THR D 122 12.84 2.77 12.76
C THR D 122 13.06 4.24 12.37
N LEU D 123 13.20 5.09 13.39
CA LEU D 123 13.31 6.53 13.23
C LEU D 123 14.28 7.13 14.25
N ALA D 124 15.15 8.05 13.77
CA ALA D 124 16.12 8.81 14.57
C ALA D 124 15.98 10.27 14.15
N ILE D 125 15.82 11.18 15.13
CA ILE D 125 15.66 12.63 14.94
C ILE D 125 16.67 13.41 15.78
N ARG D 126 17.40 14.31 15.13
CA ARG D 126 18.37 15.20 15.78
C ARG D 126 17.79 16.60 15.54
N MET D 127 17.48 17.32 16.62
CA MET D 127 16.86 18.65 16.55
C MET D 127 17.46 19.63 17.56
N PRO D 128 17.65 20.93 17.19
CA PRO D 128 18.18 21.91 18.17
C PRO D 128 17.19 22.10 19.32
N GLU D 129 17.68 22.07 20.57
CA GLU D 129 16.89 22.18 21.80
C GLU D 129 15.83 23.30 21.81
N ASP D 130 16.19 24.52 21.37
CA ASP D 130 15.27 25.66 21.34
C ASP D 130 14.13 25.47 20.34
N LEU D 131 14.38 24.73 19.26
CA LEU D 131 13.40 24.44 18.21
C LEU D 131 12.55 23.24 18.62
N ALA D 132 13.17 22.20 19.21
CA ALA D 132 12.50 21.02 19.74
C ALA D 132 11.48 21.38 20.84
N MET D 133 11.77 22.41 21.68
CA MET D 133 10.90 22.86 22.77
C MET D 133 10.02 24.07 22.38
N SER D 134 10.02 24.46 21.08
CA SER D 134 9.21 25.57 20.55
C SER D 134 7.89 25.06 19.99
N TYR D 135 6.85 25.05 20.85
CA TYR D 135 5.50 24.60 20.54
C TYR D 135 4.44 25.30 21.41
N GLU D 136 3.20 25.39 20.90
CA GLU D 136 2.08 26.02 21.61
C GLU D 136 1.46 25.12 22.67
N GLU D 137 0.78 25.72 23.67
CA GLU D 137 0.15 25.03 24.82
C GLU D 137 -0.67 23.79 24.48
N SER D 138 -1.48 23.87 23.39
CA SER D 138 -2.34 22.79 22.91
C SER D 138 -1.56 21.60 22.27
N GLN D 139 -0.28 21.80 21.94
CA GLN D 139 0.57 20.75 21.35
C GLN D 139 1.21 19.86 22.44
N ASP D 140 0.41 19.48 23.45
CA ASP D 140 0.88 18.72 24.61
C ASP D 140 1.06 17.20 24.46
N LEU D 141 0.62 16.64 23.32
CA LEU D 141 0.85 15.22 22.98
C LEU D 141 1.98 15.17 21.94
N GLN D 142 3.19 14.84 22.41
CA GLN D 142 4.42 14.74 21.61
C GLN D 142 5.32 13.72 22.28
N LEU D 143 5.23 12.45 21.86
CA LEU D 143 6.00 11.35 22.42
C LEU D 143 7.51 11.66 22.60
N CYS D 144 8.14 12.39 21.67
CA CYS D 144 9.55 12.82 21.74
C CYS D 144 9.84 13.82 22.87
N VAL D 145 8.85 14.65 23.22
CA VAL D 145 9.05 15.63 24.30
C VAL D 145 8.73 14.98 25.67
N ASN D 146 7.45 14.61 25.89
CA ASN D 146 6.95 14.10 27.17
C ASN D 146 6.85 12.58 27.34
N GLY D 147 7.25 11.83 26.33
CA GLY D 147 7.13 10.39 26.37
C GLY D 147 5.69 10.00 26.18
N CYS D 148 5.38 8.74 26.52
CA CYS D 148 4.03 8.21 26.38
C CYS D 148 3.15 8.45 27.57
N PRO D 149 1.80 8.53 27.37
CA PRO D 149 0.88 8.54 28.51
C PRO D 149 1.17 7.29 29.38
N LEU D 150 1.05 7.42 30.72
CA LEU D 150 1.29 6.32 31.67
C LEU D 150 0.51 5.05 31.30
N SER D 151 -0.75 5.20 30.80
CA SER D 151 -1.62 4.11 30.39
C SER D 151 -1.14 3.35 29.15
N GLU D 152 -0.21 3.95 28.37
CA GLU D 152 0.39 3.34 27.17
C GLU D 152 1.69 2.56 27.50
N ARG D 153 2.17 2.68 28.75
CA ARG D 153 3.38 2.02 29.27
C ARG D 153 3.03 0.98 30.30
N PRO E 92 -1.86 -33.95 -17.52
CA PRO E 92 -3.02 -34.67 -16.96
C PRO E 92 -3.96 -33.68 -16.26
N CYS E 93 -3.36 -32.67 -15.63
CA CYS E 93 -4.02 -31.58 -14.94
C CYS E 93 -4.77 -30.67 -15.91
N ASN E 94 -4.23 -30.54 -17.14
CA ASN E 94 -4.74 -29.72 -18.25
C ASN E 94 -6.19 -30.00 -18.59
N TYR E 95 -6.97 -28.91 -18.75
CA TYR E 95 -8.38 -28.93 -19.08
C TYR E 95 -8.66 -29.65 -20.42
N HIS E 96 -9.75 -30.46 -20.45
CA HIS E 96 -10.21 -31.23 -21.62
C HIS E 96 -10.68 -30.31 -22.75
N PRO E 112 -15.09 -26.86 -25.25
CA PRO E 112 -13.95 -26.45 -26.08
C PRO E 112 -13.97 -24.96 -26.43
N SER E 113 -15.11 -24.28 -26.16
CA SER E 113 -15.33 -22.87 -26.47
C SER E 113 -15.04 -21.96 -25.26
N TYR E 114 -14.49 -20.77 -25.54
CA TYR E 114 -14.08 -19.77 -24.56
C TYR E 114 -14.97 -18.56 -24.43
N LEU E 115 -15.22 -18.17 -23.16
CA LEU E 115 -15.97 -16.99 -22.76
C LEU E 115 -14.96 -15.96 -22.24
N PHE E 116 -15.16 -14.66 -22.58
CA PHE E 116 -14.26 -13.59 -22.19
C PHE E 116 -14.92 -12.51 -21.32
N CYS E 117 -14.19 -12.08 -20.28
CA CYS E 117 -14.66 -11.01 -19.40
C CYS E 117 -13.62 -9.91 -19.30
N GLY E 118 -14.07 -8.65 -19.31
CA GLY E 118 -13.20 -7.49 -19.22
C GLY E 118 -13.70 -6.37 -18.33
N LEU E 119 -12.78 -5.67 -17.66
CA LEU E 119 -13.07 -4.54 -16.77
C LEU E 119 -11.96 -3.55 -17.01
N PHE E 120 -12.33 -2.33 -17.37
CA PHE E 120 -11.37 -1.27 -17.72
C PHE E 120 -12.00 0.09 -17.50
N GLY E 121 -11.13 1.10 -17.51
CA GLY E 121 -11.50 2.50 -17.37
C GLY E 121 -11.82 3.20 -18.67
N ASP E 122 -12.20 4.43 -18.35
CA ASP E 122 -13.10 5.50 -18.66
C ASP E 122 -12.47 6.82 -19.09
N PRO F 1 -16.62 1.24 -13.39
CA PRO F 1 -15.86 1.21 -14.65
C PRO F 1 -16.64 0.54 -15.78
N HIS F 2 -15.99 0.35 -16.93
CA HIS F 2 -16.67 -0.33 -18.05
C HIS F 2 -16.51 -1.84 -17.89
N LEU F 3 -17.59 -2.60 -18.19
CA LEU F 3 -17.56 -4.05 -18.05
C LEU F 3 -18.02 -4.71 -19.32
N ARG F 4 -17.31 -5.75 -19.77
CA ARG F 4 -17.70 -6.56 -20.93
C ARG F 4 -17.89 -7.96 -20.32
N THR F 5 -19.16 -8.45 -20.28
CA THR F 5 -19.51 -9.74 -19.65
C THR F 5 -19.22 -10.95 -20.54
N PHE F 6 -19.24 -12.16 -19.94
CA PHE F 6 -19.05 -13.43 -20.64
C PHE F 6 -20.11 -13.56 -21.71
N LYS F 7 -21.25 -12.83 -21.54
CA LYS F 7 -22.41 -12.82 -22.45
C LYS F 7 -22.35 -11.68 -23.48
N ASP F 8 -21.18 -11.01 -23.57
CA ASP F 8 -20.89 -9.90 -24.48
C ASP F 8 -21.78 -8.68 -24.37
N ASN F 9 -22.35 -8.44 -23.19
CA ASN F 9 -23.13 -7.24 -22.92
C ASN F 9 -22.07 -6.26 -22.41
N PHE F 10 -22.07 -5.00 -22.92
CA PHE F 10 -21.13 -3.99 -22.46
C PHE F 10 -21.91 -3.08 -21.56
N GLN F 11 -21.37 -2.80 -20.36
CA GLN F 11 -22.01 -1.95 -19.35
C GLN F 11 -21.05 -0.94 -18.69
N THR F 12 -21.61 0.19 -18.26
CA THR F 12 -20.91 1.16 -17.45
C THR F 12 -21.52 1.12 -16.07
N CYS F 13 -20.73 0.66 -15.11
CA CYS F 13 -21.16 0.42 -13.73
C CYS F 13 -20.38 1.27 -12.78
N LYS F 14 -21.03 1.72 -11.69
CA LYS F 14 -20.43 2.47 -10.59
C LYS F 14 -19.73 1.41 -9.66
N VAL F 15 -20.48 0.44 -9.16
CA VAL F 15 -19.92 -0.66 -8.33
C VAL F 15 -18.73 -0.22 -7.40
N GLU F 16 -18.99 0.78 -6.58
CA GLU F 16 -18.01 1.33 -5.67
C GLU F 16 -17.72 0.33 -4.54
N GLY F 17 -16.45 0.25 -4.15
CA GLY F 17 -15.96 -0.66 -3.12
C GLY F 17 -15.58 -2.00 -3.70
N ALA F 18 -15.64 -3.06 -2.86
CA ALA F 18 -15.29 -4.43 -3.25
C ALA F 18 -16.47 -5.16 -3.88
N TRP F 19 -16.25 -5.74 -5.07
CA TRP F 19 -17.28 -6.43 -5.86
C TRP F 19 -16.76 -7.72 -6.53
N PRO F 20 -17.55 -8.82 -6.51
CA PRO F 20 -17.10 -10.04 -7.20
C PRO F 20 -17.36 -10.01 -8.73
N LEU F 21 -16.29 -10.22 -9.50
CA LEU F 21 -16.43 -10.35 -10.94
C LEU F 21 -16.74 -11.82 -11.20
N ILE F 22 -16.00 -12.70 -10.54
CA ILE F 22 -16.13 -14.15 -10.63
C ILE F 22 -16.16 -14.72 -9.23
N ASP F 23 -17.07 -15.66 -9.02
CA ASP F 23 -17.28 -16.33 -7.76
C ASP F 23 -17.88 -17.70 -8.12
N ASN F 24 -17.02 -18.60 -8.57
CA ASN F 24 -17.48 -19.92 -8.99
C ASN F 24 -16.74 -21.06 -8.30
N ASN F 25 -16.92 -22.31 -8.79
CA ASN F 25 -16.31 -23.49 -8.16
C ASN F 25 -14.79 -23.58 -8.21
N TYR F 26 -14.17 -22.83 -9.15
CA TYR F 26 -12.73 -22.88 -9.43
C TYR F 26 -11.97 -21.61 -9.17
N LEU F 27 -12.66 -20.48 -9.20
CA LEU F 27 -11.98 -19.19 -9.16
C LEU F 27 -12.80 -18.11 -8.49
N SER F 28 -12.10 -17.21 -7.78
CA SER F 28 -12.66 -16.00 -7.22
C SER F 28 -11.89 -14.81 -7.82
N VAL F 29 -12.58 -13.87 -8.46
CA VAL F 29 -12.01 -12.62 -8.97
C VAL F 29 -12.73 -11.46 -8.24
N GLN F 30 -12.00 -10.71 -7.40
CA GLN F 30 -12.56 -9.61 -6.60
C GLN F 30 -11.89 -8.30 -6.95
N VAL F 31 -12.68 -7.24 -7.17
CA VAL F 31 -12.12 -5.93 -7.48
C VAL F 31 -12.58 -4.84 -6.52
N THR F 32 -11.74 -3.80 -6.32
CA THR F 32 -12.09 -2.61 -5.59
C THR F 32 -12.11 -1.47 -6.59
N ASN F 33 -13.24 -0.74 -6.60
CA ASN F 33 -13.46 0.42 -7.48
C ASN F 33 -13.65 1.67 -6.64
N VAL F 34 -13.05 2.75 -7.11
CA VAL F 34 -13.02 4.03 -6.44
C VAL F 34 -13.56 5.14 -7.38
N PRO F 35 -14.38 6.07 -6.87
CA PRO F 35 -14.82 7.19 -7.71
C PRO F 35 -13.57 7.97 -8.17
N VAL F 36 -13.54 8.34 -9.45
CA VAL F 36 -12.42 9.03 -10.09
C VAL F 36 -12.08 10.38 -9.37
N VAL F 37 -13.14 11.07 -8.87
CA VAL F 37 -13.13 12.25 -7.99
C VAL F 37 -14.23 11.99 -6.95
N PRO F 38 -14.17 12.58 -5.72
CA PRO F 38 -15.26 12.34 -4.74
C PRO F 38 -16.66 12.70 -5.25
N GLY F 39 -17.62 11.83 -4.97
CA GLY F 39 -19.02 12.00 -5.36
C GLY F 39 -19.37 11.62 -6.78
N SER F 40 -18.36 11.30 -7.61
CA SER F 40 -18.53 10.92 -9.02
C SER F 40 -19.18 9.54 -9.16
N SER F 41 -20.03 9.39 -10.19
CA SER F 41 -20.64 8.07 -10.49
C SER F 41 -19.64 7.24 -11.35
N ALA F 42 -18.62 7.90 -11.94
CA ALA F 42 -17.57 7.26 -12.74
C ALA F 42 -16.54 6.68 -11.77
N THR F 43 -16.37 5.36 -11.85
CA THR F 43 -15.44 4.68 -10.95
C THR F 43 -14.39 3.92 -11.74
N ALA F 44 -13.26 3.62 -11.08
CA ALA F 44 -12.15 2.90 -11.68
C ALA F 44 -11.49 2.01 -10.66
N THR F 45 -10.81 0.96 -11.16
CA THR F 45 -10.19 -0.11 -10.38
C THR F 45 -8.82 0.19 -9.75
N ASN F 46 -8.73 0.06 -8.43
CA ASN F 46 -7.45 0.24 -7.75
C ASN F 46 -6.91 -1.03 -7.13
N LYS F 47 -7.69 -2.14 -7.15
CA LYS F 47 -7.25 -3.43 -6.58
C LYS F 47 -7.88 -4.61 -7.32
N ILE F 48 -7.05 -5.59 -7.65
CA ILE F 48 -7.50 -6.83 -8.29
C ILE F 48 -7.00 -8.00 -7.46
N THR F 49 -7.94 -8.78 -6.91
CA THR F 49 -7.62 -10.00 -6.18
C THR F 49 -8.12 -11.23 -6.97
N ILE F 50 -7.24 -12.21 -7.19
CA ILE F 50 -7.61 -13.46 -7.85
C ILE F 50 -7.27 -14.60 -6.93
N ILE F 51 -8.27 -15.44 -6.61
CA ILE F 51 -8.09 -16.64 -5.81
C ILE F 51 -8.25 -17.87 -6.72
N PHE F 52 -7.13 -18.57 -6.96
CA PHE F 52 -7.11 -19.83 -7.67
C PHE F 52 -7.29 -20.85 -6.57
N LYS F 53 -8.51 -21.33 -6.38
CA LYS F 53 -8.89 -22.33 -5.37
C LYS F 53 -8.05 -23.61 -5.51
N ALA F 54 -7.77 -24.30 -4.39
CA ALA F 54 -6.97 -25.53 -4.42
C ALA F 54 -7.58 -26.57 -5.34
N HIS F 55 -6.76 -27.11 -6.23
CA HIS F 55 -7.15 -28.15 -7.17
C HIS F 55 -6.23 -29.34 -6.94
N HIS F 56 -6.68 -30.27 -6.09
CA HIS F 56 -5.91 -31.45 -5.68
C HIS F 56 -5.15 -32.14 -6.82
N GLY F 57 -3.83 -32.27 -6.64
CA GLY F 57 -2.92 -32.86 -7.60
C GLY F 57 -2.39 -31.91 -8.66
N CYS F 58 -2.85 -30.64 -8.68
CA CYS F 58 -2.47 -29.64 -9.68
C CYS F 58 -1.91 -28.38 -9.10
N THR F 59 -2.63 -27.80 -8.14
CA THR F 59 -2.22 -26.59 -7.44
C THR F 59 -2.76 -26.52 -6.04
N ASP F 60 -2.00 -25.89 -5.15
CA ASP F 60 -2.48 -25.56 -3.81
C ASP F 60 -3.18 -24.20 -4.07
N GLN F 61 -3.89 -23.65 -3.08
CA GLN F 61 -4.56 -22.38 -3.26
C GLN F 61 -3.53 -21.27 -3.47
N LYS F 62 -3.73 -20.47 -4.51
CA LYS F 62 -2.86 -19.33 -4.77
C LYS F 62 -3.69 -18.06 -4.85
N VAL F 63 -3.13 -16.99 -4.31
CA VAL F 63 -3.77 -15.70 -4.34
C VAL F 63 -2.86 -14.73 -5.06
N TYR F 64 -3.41 -14.03 -6.05
CA TYR F 64 -2.73 -12.96 -6.73
C TYR F 64 -3.39 -11.66 -6.34
N GLN F 65 -2.57 -10.64 -6.07
CA GLN F 65 -3.12 -9.33 -5.80
C GLN F 65 -2.27 -8.25 -6.40
N ALA F 66 -2.89 -7.39 -7.21
CA ALA F 66 -2.26 -6.18 -7.77
C ALA F 66 -3.05 -4.97 -7.24
N VAL F 67 -2.35 -3.86 -7.02
CA VAL F 67 -2.95 -2.59 -6.60
C VAL F 67 -2.32 -1.51 -7.48
N THR F 68 -2.87 -0.30 -7.52
CA THR F 68 -2.29 0.83 -8.24
C THR F 68 -0.84 1.01 -7.72
N ASP F 69 0.14 1.05 -8.65
CA ASP F 69 1.59 1.21 -8.44
C ASP F 69 2.26 -0.03 -7.83
N ASP F 70 1.58 -1.18 -7.82
CA ASP F 70 2.12 -2.46 -7.36
C ASP F 70 1.50 -3.62 -8.11
N LEU F 71 2.14 -3.99 -9.22
CA LEU F 71 1.79 -5.13 -10.07
C LEU F 71 2.94 -6.16 -10.03
N PRO F 72 2.97 -7.02 -8.99
CA PRO F 72 4.04 -8.05 -8.91
C PRO F 72 3.89 -9.16 -9.95
N ALA F 73 4.96 -9.94 -10.15
CA ALA F 73 4.93 -11.08 -11.08
C ALA F 73 4.95 -12.38 -10.26
N ALA F 74 4.21 -12.38 -9.15
CA ALA F 74 4.14 -13.47 -8.20
C ALA F 74 2.87 -13.41 -7.36
N PHE F 75 2.50 -14.57 -6.77
CA PHE F 75 1.38 -14.71 -5.85
C PHE F 75 1.81 -14.07 -4.51
N VAL F 76 0.86 -13.77 -3.61
CA VAL F 76 1.12 -13.12 -2.32
C VAL F 76 2.17 -13.82 -1.45
N ASP F 77 2.39 -15.14 -1.66
CA ASP F 77 3.39 -15.93 -0.91
C ASP F 77 4.79 -15.93 -1.57
N GLY F 78 4.95 -15.09 -2.60
CA GLY F 78 6.20 -14.90 -3.34
C GLY F 78 6.49 -15.92 -4.42
N THR F 79 5.56 -16.92 -4.60
CA THR F 79 5.67 -17.98 -5.59
C THR F 79 5.17 -17.48 -6.94
N THR F 80 5.65 -18.11 -8.01
CA THR F 80 5.36 -17.80 -9.41
C THR F 80 4.67 -19.01 -10.08
N SER F 81 4.44 -20.10 -9.32
CA SER F 81 3.79 -21.31 -9.79
C SER F 81 3.08 -22.03 -8.64
N GLY F 82 2.00 -22.75 -8.99
CA GLY F 82 1.20 -23.53 -8.06
C GLY F 82 1.86 -24.85 -7.71
N GLY F 83 1.56 -25.34 -6.51
CA GLY F 83 2.07 -26.61 -5.99
C GLY F 83 3.59 -26.69 -5.93
N ASP F 84 4.11 -27.88 -6.31
CA ASP F 84 5.54 -28.26 -6.32
C ASP F 84 6.34 -27.43 -7.35
N SER F 85 7.66 -27.73 -7.44
CA SER F 85 8.57 -27.10 -8.39
C SER F 85 8.27 -27.67 -9.79
N ASP F 86 7.91 -28.96 -9.85
CA ASP F 86 7.57 -29.69 -11.07
C ASP F 86 6.19 -29.32 -11.62
N ALA F 87 5.26 -28.85 -10.72
CA ALA F 87 3.88 -28.47 -11.07
C ALA F 87 3.81 -27.11 -11.75
N LYS F 88 3.51 -27.12 -13.07
CA LYS F 88 3.41 -25.89 -13.86
C LYS F 88 1.98 -25.67 -14.47
N SER F 89 0.96 -26.38 -13.89
CA SER F 89 -0.48 -26.27 -14.24
C SER F 89 -0.95 -24.84 -13.93
N LEU F 90 -0.35 -24.18 -12.93
CA LEU F 90 -0.61 -22.78 -12.59
C LEU F 90 0.70 -21.97 -12.55
N ARG F 91 0.81 -20.93 -13.38
CA ARG F 91 2.00 -20.08 -13.44
C ARG F 91 1.70 -18.60 -13.72
N ILE F 92 2.65 -17.70 -13.37
CA ILE F 92 2.60 -16.25 -13.63
C ILE F 92 3.81 -15.82 -14.43
N VAL F 93 3.57 -15.03 -15.48
CA VAL F 93 4.62 -14.48 -16.34
C VAL F 93 4.48 -12.96 -16.54
N GLU F 94 5.61 -12.24 -16.52
CA GLU F 94 5.67 -10.80 -16.70
C GLU F 94 5.98 -10.45 -18.16
N ARG F 95 5.35 -9.34 -18.67
CA ARG F 95 5.49 -8.86 -20.06
C ARG F 95 5.82 -7.35 -20.14
N TYR F 100 1.67 -6.14 -19.26
CA TYR F 100 0.78 -7.13 -18.67
C TYR F 100 1.47 -8.20 -17.82
N VAL F 101 0.84 -8.61 -16.73
CA VAL F 101 1.30 -9.78 -16.00
C VAL F 101 0.22 -10.81 -16.33
N GLU F 102 0.62 -12.04 -16.62
CA GLU F 102 -0.36 -13.04 -16.99
C GLU F 102 -0.39 -14.29 -16.15
N MET F 103 -1.58 -14.79 -15.87
CA MET F 103 -1.76 -16.01 -15.08
C MET F 103 -2.34 -17.09 -15.96
N HIS F 104 -1.61 -18.21 -16.07
CA HIS F 104 -2.02 -19.33 -16.89
C HIS F 104 -2.41 -20.47 -15.98
N ALA F 105 -3.72 -20.69 -15.84
CA ALA F 105 -4.31 -21.77 -15.04
C ALA F 105 -4.76 -22.83 -16.03
N ARG F 106 -3.79 -23.55 -16.63
CA ARG F 106 -3.98 -24.61 -17.65
C ARG F 106 -4.96 -25.66 -17.18
N TYR F 107 -4.87 -26.03 -15.89
CA TYR F 107 -5.72 -27.04 -15.24
C TYR F 107 -7.25 -26.77 -15.36
N ILE F 108 -7.63 -25.46 -15.49
CA ILE F 108 -9.01 -25.00 -15.70
C ILE F 108 -9.16 -24.20 -17.02
N GLY F 109 -8.22 -24.39 -17.98
CA GLY F 109 -8.17 -23.72 -19.28
C GLY F 109 -8.43 -22.22 -19.22
N THR F 110 -7.95 -21.56 -18.13
CA THR F 110 -8.19 -20.16 -17.81
C THR F 110 -6.95 -19.28 -17.89
N THR F 111 -7.11 -18.11 -18.52
CA THR F 111 -6.06 -17.09 -18.60
C THR F 111 -6.58 -15.78 -17.97
N VAL F 112 -5.73 -15.10 -17.22
CA VAL F 112 -6.07 -13.82 -16.57
C VAL F 112 -4.96 -12.84 -16.89
N PHE F 113 -5.27 -11.73 -17.60
CA PHE F 113 -4.29 -10.67 -17.90
C PHE F 113 -4.59 -9.44 -17.04
N VAL F 114 -3.57 -8.89 -16.39
CA VAL F 114 -3.72 -7.70 -15.52
C VAL F 114 -2.68 -6.66 -15.93
N ARG F 115 -3.13 -5.42 -16.10
CA ARG F 115 -2.24 -4.29 -16.37
C ARG F 115 -2.71 -2.99 -15.74
N GLN F 116 -1.79 -2.04 -15.56
CA GLN F 116 -2.10 -0.71 -15.04
C GLN F 116 -2.07 0.25 -16.21
N VAL F 117 -3.21 0.90 -16.49
CA VAL F 117 -3.35 1.93 -17.52
C VAL F 117 -3.62 3.20 -16.72
N GLY F 118 -2.61 4.06 -16.69
CA GLY F 118 -2.61 5.31 -15.94
C GLY F 118 -2.61 5.09 -14.44
N ARG F 119 -3.66 5.59 -13.75
CA ARG F 119 -3.77 5.45 -12.30
C ARG F 119 -4.61 4.26 -11.89
N TYR F 120 -5.09 3.49 -12.88
CA TYR F 120 -6.01 2.40 -12.61
C TYR F 120 -5.65 1.09 -13.27
N LEU F 121 -6.35 0.02 -12.85
CA LEU F 121 -6.09 -1.34 -13.32
C LEU F 121 -7.13 -1.89 -14.28
N THR F 122 -6.66 -2.66 -15.27
CA THR F 122 -7.54 -3.32 -16.23
C THR F 122 -7.36 -4.83 -16.10
N LEU F 123 -8.38 -5.58 -16.51
CA LEU F 123 -8.46 -7.01 -16.40
C LEU F 123 -9.15 -7.66 -17.61
N ALA F 124 -8.57 -8.76 -18.09
CA ALA F 124 -9.08 -9.60 -19.18
C ALA F 124 -9.02 -11.04 -18.71
N ILE F 125 -10.14 -11.78 -18.83
CA ILE F 125 -10.30 -13.19 -18.41
C ILE F 125 -10.85 -14.04 -19.58
N ARG F 126 -10.15 -15.12 -19.89
CA ARG F 126 -10.57 -16.10 -20.88
C ARG F 126 -10.81 -17.39 -20.09
N MET F 127 -12.05 -17.90 -20.14
CA MET F 127 -12.45 -19.08 -19.36
C MET F 127 -13.32 -20.04 -20.19
N PRO F 128 -13.16 -21.38 -20.05
CA PRO F 128 -14.04 -22.32 -20.80
C PRO F 128 -15.49 -22.19 -20.32
N GLU F 129 -16.45 -22.09 -21.26
CA GLU F 129 -17.88 -21.92 -21.01
C GLU F 129 -18.48 -22.79 -19.89
N ASP F 130 -18.16 -24.11 -19.89
CA ASP F 130 -18.68 -25.05 -18.90
C ASP F 130 -18.14 -24.79 -17.49
N LEU F 131 -16.93 -24.23 -17.40
CA LEU F 131 -16.28 -23.88 -16.14
C LEU F 131 -16.73 -22.53 -15.67
N ALA F 132 -16.86 -21.55 -16.60
CA ALA F 132 -17.37 -20.20 -16.35
C ALA F 132 -18.81 -20.22 -15.79
N MET F 133 -19.65 -21.19 -16.27
CA MET F 133 -21.05 -21.33 -15.84
C MET F 133 -21.25 -22.39 -14.73
N SER F 134 -20.13 -22.93 -14.17
CA SER F 134 -20.15 -23.93 -13.10
C SER F 134 -20.02 -23.23 -11.73
N TYR F 135 -21.19 -22.94 -11.14
CA TYR F 135 -21.32 -22.27 -9.84
C TYR F 135 -22.63 -22.65 -9.13
N GLU F 136 -22.64 -22.56 -7.80
CA GLU F 136 -23.81 -22.89 -6.98
C GLU F 136 -24.83 -21.76 -6.94
N GLU F 137 -26.11 -22.10 -6.63
CA GLU F 137 -27.25 -21.17 -6.60
C GLU F 137 -27.01 -19.84 -5.87
N SER F 138 -26.31 -19.90 -4.71
CA SER F 138 -25.99 -18.75 -3.86
C SER F 138 -24.91 -17.82 -4.47
N GLN F 139 -24.19 -18.28 -5.51
CA GLN F 139 -23.15 -17.50 -6.17
C GLN F 139 -23.74 -16.61 -7.29
N ASP F 140 -24.88 -15.96 -7.01
CA ASP F 140 -25.63 -15.15 -7.95
C ASP F 140 -25.13 -13.73 -8.23
N LEU F 141 -24.15 -13.23 -7.44
CA LEU F 141 -23.50 -11.93 -7.70
C LEU F 141 -22.13 -12.21 -8.33
N GLN F 142 -22.06 -12.06 -9.67
CA GLN F 142 -20.87 -12.29 -10.50
C GLN F 142 -20.97 -11.37 -11.69
N LEU F 143 -20.36 -10.18 -11.62
CA LEU F 143 -20.40 -9.17 -12.67
C LEU F 143 -20.07 -9.74 -14.09
N CYS F 144 -19.13 -10.69 -14.20
CA CYS F 144 -18.76 -11.36 -15.46
C CYS F 144 -19.86 -12.26 -16.04
N VAL F 145 -20.71 -12.82 -15.17
CA VAL F 145 -21.79 -13.69 -15.64
C VAL F 145 -23.04 -12.84 -15.98
N ASN F 146 -23.63 -12.19 -14.95
CA ASN F 146 -24.90 -11.45 -15.03
C ASN F 146 -24.81 -9.93 -15.21
N GLY F 147 -23.60 -9.41 -15.27
CA GLY F 147 -23.42 -7.98 -15.38
C GLY F 147 -23.68 -7.35 -14.03
N CYS F 148 -23.87 -6.03 -14.02
CA CYS F 148 -24.12 -5.28 -12.79
C CYS F 148 -25.58 -5.21 -12.42
N PRO F 149 -25.89 -5.06 -11.09
CA PRO F 149 -27.28 -4.75 -10.69
C PRO F 149 -27.73 -3.47 -11.42
N LEU F 150 -29.01 -3.41 -11.81
CA LEU F 150 -29.60 -2.29 -12.54
C LEU F 150 -29.31 -0.94 -11.85
N SER F 151 -29.32 -0.90 -10.51
CA SER F 151 -29.07 0.28 -9.69
C SER F 151 -27.60 0.77 -9.76
N GLU F 152 -26.68 -0.08 -10.22
CA GLU F 152 -25.27 0.24 -10.38
C GLU F 152 -24.95 0.80 -11.80
N ARG F 153 -25.94 0.75 -12.72
CA ARG F 153 -25.87 1.21 -14.10
C ARG F 153 -26.75 2.42 -14.31
C1 NAG G . 9.37 0.73 -29.80
C2 NAG G . 8.71 -0.31 -28.90
C3 NAG G . 9.66 -1.50 -28.70
C4 NAG G . 10.08 -2.07 -30.04
C5 NAG G . 10.71 -0.99 -30.92
C6 NAG G . 11.04 -1.46 -32.31
C7 NAG G . 7.14 0.35 -27.11
C8 NAG G . 6.98 1.16 -25.86
N2 NAG G . 8.38 0.29 -27.62
O3 NAG G . 9.03 -2.50 -27.91
O4 NAG G . 11.00 -3.15 -29.86
O5 NAG G . 9.81 0.13 -31.04
O6 NAG G . 9.86 -1.79 -33.06
O7 NAG G . 6.19 -0.24 -27.63
C1 NAG H . 30.58 -6.18 3.51
C2 NAG H . 29.71 -4.93 3.55
C3 NAG H . 30.19 -4.06 2.38
C4 NAG H . 31.67 -3.70 2.56
C5 NAG H . 32.52 -4.97 2.72
C6 NAG H . 33.93 -4.68 3.17
C7 NAG H . 27.39 -5.14 4.40
C8 NAG H . 25.97 -5.45 4.03
N2 NAG H . 28.29 -5.24 3.40
O3 NAG H . 29.40 -2.87 2.29
O4 NAG H . 32.11 -2.98 1.41
O5 NAG H . 31.94 -5.81 3.73
O6 NAG H . 33.99 -4.23 4.52
O7 NAG H . 27.72 -4.81 5.53
#